data_3PK0
#
_entry.id   3PK0
#
_cell.length_a   90.140
_cell.length_b   78.010
_cell.length_c   155.430
_cell.angle_alpha   90.000
_cell.angle_beta   102.220
_cell.angle_gamma   90.000
#
_symmetry.space_group_name_H-M   'C 1 2 1'
#
loop_
_entity.id
_entity.type
_entity.pdbx_description
1 polymer 'Short-chain dehydrogenase/reductase SDR'
2 non-polymer DI(HYDROXYETHYL)ETHER
3 non-polymer 'CALCIUM ION'
4 non-polymer 'CHLORIDE ION'
5 non-polymer GLYCEROL
6 water water
#
_entity_poly.entity_id   1
_entity_poly.type   'polypeptide(L)'
_entity_poly.pdbx_seq_one_letter_code
;GPGSMFDLQGRSVVVTGGTKGIGRGIATVFARAGANVAVAGRSTADIDACVADLDQLGSGKVIGVQTDVSDRAQCDALAG
RAVEEFGGIDVVCANAGVFPDAPLATMTPEQLNGIFAVNVNGTFYAVQACLDALIASGSGRVVLTSSITGPITGYPGWSH
YGATKAAQLGFMRTAAIELAPHKITVNAIMPGNIMTEGLLENGEEYIASMARSIPAGALGTPEDIGHLAAFLATKEAGYI
TGQAIAVDGGQVLPESLDAIAT
;
_entity_poly.pdbx_strand_id   A,B,C,D
#
# COMPACT_ATOMS: atom_id res chain seq x y z
N GLY A 3 50.31 54.42 11.26
CA GLY A 3 51.57 53.68 10.88
C GLY A 3 52.00 52.60 11.89
N SER A 4 51.80 52.86 13.18
CA SER A 4 52.11 51.92 14.26
C SER A 4 51.29 50.62 14.16
N MET A 5 51.70 49.61 14.93
CA MET A 5 50.91 48.39 15.02
C MET A 5 49.50 48.70 15.57
N PHE A 6 48.47 48.10 14.97
CA PHE A 6 47.08 48.27 15.40
C PHE A 6 46.51 49.69 15.26
N ASP A 7 46.98 50.41 14.24
CA ASP A 7 46.57 51.78 13.98
C ASP A 7 45.07 51.85 13.66
N LEU A 8 44.36 52.74 14.33
CA LEU A 8 42.96 53.07 14.04
C LEU A 8 42.76 54.57 13.79
N GLN A 9 43.85 55.32 13.64
CA GLN A 9 43.73 56.78 13.48
C GLN A 9 43.02 57.09 12.16
N GLY A 10 41.92 57.86 12.24
CA GLY A 10 41.16 58.26 11.07
C GLY A 10 40.20 57.18 10.54
N ARG A 11 40.17 56.01 11.17
CA ARG A 11 39.14 55.00 10.88
C ARG A 11 37.80 55.56 11.31
N SER A 12 36.76 55.22 10.55
CA SER A 12 35.43 55.76 10.81
C SER A 12 34.47 54.68 11.32
N VAL A 13 33.91 54.93 12.51
CA VAL A 13 33.20 53.92 13.27
C VAL A 13 31.78 54.38 13.57
N VAL A 14 30.81 53.51 13.40
CA VAL A 14 29.45 53.72 13.90
C VAL A 14 29.20 52.76 15.06
N VAL A 15 28.76 53.28 16.22
CA VAL A 15 28.39 52.47 17.38
C VAL A 15 26.89 52.65 17.71
N THR A 16 26.09 51.61 17.54
CA THR A 16 24.66 51.67 17.92
C THR A 16 24.57 51.37 19.42
N GLY A 17 23.59 51.93 20.09
CA GLY A 17 23.52 51.91 21.55
C GLY A 17 24.83 52.34 22.20
N GLY A 18 25.39 53.44 21.72
CA GLY A 18 26.73 53.82 22.09
C GLY A 18 26.82 54.81 23.25
N THR A 19 25.70 55.16 23.89
CA THR A 19 25.75 56.25 24.87
C THR A 19 25.92 55.78 26.34
N LYS A 20 25.81 54.48 26.57
CA LYS A 20 25.76 53.88 27.91
C LYS A 20 26.49 52.55 27.91
N GLY A 21 26.95 52.14 29.08
CA GLY A 21 27.32 50.75 29.27
C GLY A 21 28.37 50.26 28.34
N ILE A 22 28.15 49.07 27.80
CA ILE A 22 29.14 48.45 26.92
C ILE A 22 29.39 49.27 25.65
N GLY A 23 28.32 49.82 25.05
CA GLY A 23 28.45 50.60 23.82
C GLY A 23 29.29 51.84 24.06
N ARG A 24 29.12 52.48 25.21
CA ARG A 24 29.94 53.65 25.53
CA ARG A 24 29.94 53.65 25.51
C ARG A 24 31.41 53.23 25.69
N GLY A 25 31.63 52.06 26.26
CA GLY A 25 32.97 51.51 26.36
C GLY A 25 33.60 51.32 24.99
N ILE A 26 32.83 50.78 24.05
CA ILE A 26 33.31 50.58 22.68
C ILE A 26 33.67 51.94 22.09
N ALA A 27 32.74 52.88 22.16
CA ALA A 27 32.92 54.21 21.56
C ALA A 27 34.14 54.93 22.13
N THR A 28 34.32 54.82 23.44
CA THR A 28 35.45 55.41 24.15
C THR A 28 36.80 54.94 23.69
N VAL A 29 36.94 53.61 23.50
CA VAL A 29 38.21 53.03 23.07
C VAL A 29 38.50 53.50 21.66
N PHE A 30 37.50 53.47 20.77
CA PHE A 30 37.70 54.01 19.43
C PHE A 30 38.08 55.50 19.39
N ALA A 31 37.41 56.31 20.21
CA ALA A 31 37.75 57.76 20.30
C ALA A 31 39.19 57.98 20.77
N ARG A 32 39.62 57.26 21.80
CA ARG A 32 41.02 57.32 22.25
C ARG A 32 42.05 56.88 21.21
N ALA A 33 41.66 55.94 20.37
CA ALA A 33 42.50 55.48 19.29
C ALA A 33 42.56 56.42 18.10
N GLY A 34 41.89 57.58 18.18
CA GLY A 34 41.91 58.53 17.06
C GLY A 34 40.91 58.27 15.95
N ALA A 35 39.96 57.36 16.18
CA ALA A 35 38.90 57.13 15.23
C ALA A 35 37.84 58.23 15.21
N ASN A 36 37.18 58.37 14.07
CA ASN A 36 35.95 59.15 13.99
C ASN A 36 34.86 58.22 14.52
N VAL A 37 33.98 58.75 15.36
CA VAL A 37 32.97 57.91 16.01
C VAL A 37 31.61 58.57 15.90
N ALA A 38 30.66 57.82 15.35
CA ALA A 38 29.23 58.19 15.40
C ALA A 38 28.53 57.32 16.41
N VAL A 39 28.05 57.95 17.47
CA VAL A 39 27.29 57.21 18.46
CA VAL A 39 27.32 57.32 18.54
C VAL A 39 25.81 57.46 18.26
N ALA A 40 25.09 56.35 18.26
CA ALA A 40 23.64 56.34 18.13
C ALA A 40 23.05 55.97 19.49
N GLY A 41 21.88 56.52 19.78
CA GLY A 41 21.17 56.22 21.02
C GLY A 41 19.73 56.73 20.90
N ARG A 42 18.91 56.49 21.91
CA ARG A 42 17.52 56.94 21.89
C ARG A 42 17.29 58.28 22.57
N SER A 43 18.15 58.66 23.51
CA SER A 43 17.91 59.85 24.32
C SER A 43 18.88 60.97 23.96
N THR A 44 18.37 62.12 23.52
CA THR A 44 19.21 63.20 23.00
C THR A 44 20.13 63.77 24.09
N ALA A 45 19.65 63.79 25.33
CA ALA A 45 20.46 64.24 26.48
C ALA A 45 21.68 63.33 26.72
N ASP A 46 21.48 62.02 26.70
CA ASP A 46 22.60 61.06 26.81
C ASP A 46 23.55 61.13 25.61
N ILE A 47 23.01 61.32 24.40
CA ILE A 47 23.84 61.40 23.19
C ILE A 47 24.78 62.61 23.29
N ASP A 48 24.21 63.77 23.59
CA ASP A 48 24.96 65.03 23.67
C ASP A 48 26.05 64.99 24.76
N ALA A 49 25.72 64.42 25.92
CA ALA A 49 26.70 64.22 27.01
C ALA A 49 27.81 63.26 26.58
N CYS A 50 27.45 62.13 26.00
CA CYS A 50 28.43 61.16 25.52
C CYS A 50 29.38 61.79 24.49
N VAL A 51 28.81 62.50 23.50
CA VAL A 51 29.60 63.07 22.42
C VAL A 51 30.55 64.13 22.96
N ALA A 52 30.08 64.94 23.90
CA ALA A 52 30.94 65.95 24.52
C ALA A 52 32.20 65.31 25.14
N ASP A 53 32.02 64.22 25.89
CA ASP A 53 33.16 63.54 26.52
C ASP A 53 34.08 62.83 25.52
N LEU A 54 33.50 62.14 24.53
CA LEU A 54 34.30 61.40 23.58
C LEU A 54 35.10 62.33 22.66
N ASP A 55 34.57 63.50 22.32
CA ASP A 55 35.26 64.29 21.32
C ASP A 55 36.61 64.75 21.89
N GLN A 56 36.70 64.82 23.22
CA GLN A 56 37.90 65.25 23.92
C GLN A 56 39.01 64.18 23.98
N LEU A 57 38.69 62.94 23.64
CA LEU A 57 39.62 61.85 23.82
C LEU A 57 40.64 61.64 22.69
N GLY A 58 40.41 62.24 21.53
CA GLY A 58 41.27 61.99 20.38
C GLY A 58 41.01 62.94 19.23
N SER A 59 41.83 62.81 18.19
CA SER A 59 41.85 63.72 17.04
C SER A 59 40.69 63.50 16.07
N GLY A 60 39.96 62.39 16.23
CA GLY A 60 38.81 62.09 15.39
C GLY A 60 37.59 62.96 15.63
N LYS A 61 36.71 63.01 14.63
CA LYS A 61 35.45 63.74 14.75
C LYS A 61 34.46 62.81 15.47
N VAL A 62 33.68 63.34 16.39
CA VAL A 62 32.62 62.55 17.02
C VAL A 62 31.28 63.22 16.72
N ILE A 63 30.29 62.42 16.38
CA ILE A 63 28.92 62.88 16.19
C ILE A 63 27.97 61.95 16.94
N GLY A 64 26.78 62.48 17.21
CA GLY A 64 25.73 61.74 17.90
C GLY A 64 24.43 61.81 17.09
N VAL A 65 23.75 60.68 16.96
CA VAL A 65 22.56 60.57 16.11
C VAL A 65 21.45 59.82 16.86
N GLN A 66 20.32 60.45 17.07
CA GLN A 66 19.21 59.78 17.73
C GLN A 66 18.65 58.76 16.74
N THR A 67 18.62 57.49 17.15
CA THR A 67 18.30 56.40 16.23
C THR A 67 17.55 55.32 17.03
N ASP A 68 16.41 54.91 16.50
CA ASP A 68 15.76 53.67 16.94
C ASP A 68 16.20 52.59 15.95
N VAL A 69 17.12 51.74 16.37
CA VAL A 69 17.68 50.76 15.42
C VAL A 69 16.66 49.75 14.89
N SER A 70 15.52 49.60 15.57
CA SER A 70 14.48 48.70 15.08
C SER A 70 13.78 49.21 13.80
N ASP A 71 14.10 50.45 13.41
CA ASP A 71 13.54 51.05 12.20
C ASP A 71 14.63 51.12 11.14
N ARG A 72 14.49 50.31 10.08
CA ARG A 72 15.49 50.29 9.03
C ARG A 72 15.78 51.70 8.50
N ALA A 73 14.74 52.50 8.29
CA ALA A 73 14.94 53.86 7.77
C ALA A 73 15.83 54.73 8.65
N GLN A 74 15.69 54.58 9.98
CA GLN A 74 16.49 55.36 10.91
C GLN A 74 17.95 54.89 10.88
N CYS A 75 18.15 53.59 10.65
CA CYS A 75 19.53 53.06 10.45
C CYS A 75 20.15 53.65 9.19
N ASP A 76 19.35 53.73 8.13
CA ASP A 76 19.84 54.33 6.88
C ASP A 76 20.25 55.79 7.11
N ALA A 77 19.44 56.51 7.90
CA ALA A 77 19.73 57.91 8.22
C ALA A 77 21.03 58.04 9.04
N LEU A 78 21.25 57.14 9.98
CA LEU A 78 22.48 57.10 10.79
C LEU A 78 23.72 56.90 9.90
N ALA A 79 23.65 55.92 9.02
CA ALA A 79 24.70 55.69 8.03
C ALA A 79 24.95 56.89 7.16
N GLY A 80 23.87 57.53 6.71
CA GLY A 80 23.97 58.73 5.87
C GLY A 80 24.72 59.85 6.56
N ARG A 81 24.39 60.06 7.83
CA ARG A 81 25.06 61.08 8.64
C ARG A 81 26.56 60.78 8.81
N ALA A 82 26.91 59.53 9.07
CA ALA A 82 28.30 59.15 9.24
C ALA A 82 29.09 59.37 7.96
N VAL A 83 28.51 58.98 6.82
CA VAL A 83 29.16 59.16 5.53
C VAL A 83 29.31 60.65 5.22
N GLU A 84 28.27 61.42 5.45
CA GLU A 84 28.30 62.89 5.20
C GLU A 84 29.41 63.56 6.04
N GLU A 85 29.48 63.20 7.33
CA GLU A 85 30.40 63.84 8.27
C GLU A 85 31.84 63.30 8.25
N PHE A 86 32.04 62.01 7.98
CA PHE A 86 33.37 61.39 7.99
C PHE A 86 33.92 61.06 6.60
N GLY A 87 33.05 60.97 5.60
CA GLY A 87 33.45 60.62 4.24
C GLY A 87 33.34 59.14 3.95
N GLY A 88 33.04 58.37 4.99
CA GLY A 88 32.90 56.93 4.86
C GLY A 88 32.60 56.27 6.19
N ILE A 89 32.50 54.94 6.13
CA ILE A 89 32.37 54.09 7.32
C ILE A 89 33.24 52.88 7.13
N ASP A 90 34.17 52.66 8.05
CA ASP A 90 35.04 51.49 8.01
C ASP A 90 34.57 50.38 8.97
N VAL A 91 33.89 50.76 10.05
CA VAL A 91 33.53 49.82 11.11
C VAL A 91 32.12 50.10 11.58
N VAL A 92 31.27 49.07 11.64
CA VAL A 92 29.99 49.17 12.33
C VAL A 92 30.03 48.23 13.53
N CYS A 93 29.81 48.80 14.70
CA CYS A 93 29.61 48.07 15.95
C CYS A 93 28.11 48.04 16.24
N ALA A 94 27.49 46.91 15.88
CA ALA A 94 26.05 46.67 16.07
C ALA A 94 25.91 46.15 17.50
N ASN A 95 25.78 47.11 18.40
CA ASN A 95 25.88 46.88 19.83
C ASN A 95 24.54 47.02 20.51
N ALA A 96 23.62 47.81 19.93
CA ALA A 96 22.36 48.13 20.55
C ALA A 96 21.67 46.83 21.00
N GLY A 97 21.13 46.85 22.20
CA GLY A 97 20.41 45.69 22.69
C GLY A 97 19.78 45.99 24.04
N VAL A 98 18.66 45.32 24.28
CA VAL A 98 17.96 45.39 25.53
C VAL A 98 17.83 43.99 26.14
N PHE A 99 17.63 43.95 27.46
CA PHE A 99 17.57 42.68 28.18
C PHE A 99 16.52 42.64 29.29
N PRO A 100 15.27 43.02 28.96
CA PRO A 100 14.15 42.85 29.92
C PRO A 100 13.97 41.34 30.15
N ASP A 101 13.47 40.99 31.30
CA ASP A 101 13.18 39.57 31.57
C ASP A 101 11.70 39.23 31.31
N ALA A 102 11.45 37.96 31.06
CA ALA A 102 10.10 37.45 30.93
C ALA A 102 10.18 35.94 31.12
N PRO A 103 9.58 35.40 32.20
CA PRO A 103 9.52 33.93 32.34
C PRO A 103 8.86 33.31 31.08
N LEU A 104 9.29 32.13 30.67
CA LEU A 104 8.68 31.51 29.51
C LEU A 104 7.19 31.30 29.63
N ALA A 105 6.75 30.94 30.84
CA ALA A 105 5.36 30.69 31.15
C ALA A 105 4.44 31.88 30.91
N THR A 106 4.97 33.08 31.04
CA THR A 106 4.13 34.25 30.95
C THR A 106 4.50 35.22 29.79
N MET A 107 5.58 34.93 29.07
CA MET A 107 6.12 35.86 28.09
C MET A 107 5.06 36.14 27.03
N THR A 108 4.77 37.42 26.79
CA THR A 108 3.74 37.77 25.80
C THR A 108 4.32 37.91 24.38
N PRO A 109 3.44 37.85 23.39
CA PRO A 109 3.87 38.19 22.03
C PRO A 109 4.53 39.55 21.93
N GLU A 110 4.00 40.51 22.66
CA GLU A 110 4.57 41.84 22.67
CA GLU A 110 4.59 41.85 22.69
C GLU A 110 6.00 41.81 23.26
N GLN A 111 6.23 41.02 24.30
CA GLN A 111 7.59 40.95 24.88
C GLN A 111 8.59 40.25 23.94
N LEU A 112 8.11 39.22 23.25
CA LEU A 112 8.94 38.45 22.32
C LEU A 112 9.32 39.28 21.11
N ASN A 113 8.30 39.81 20.45
CA ASN A 113 8.53 40.69 19.32
C ASN A 113 9.35 41.92 19.63
N GLY A 114 9.12 42.55 20.79
CA GLY A 114 9.87 43.73 21.11
C GLY A 114 11.37 43.52 21.22
N ILE A 115 11.77 42.43 21.87
CA ILE A 115 13.18 42.19 22.14
C ILE A 115 13.89 41.82 20.82
N PHE A 116 13.19 41.09 19.97
CA PHE A 116 13.72 40.77 18.64
C PHE A 116 13.86 42.00 17.76
N ALA A 117 12.94 42.93 17.88
CA ALA A 117 12.96 44.14 17.02
C ALA A 117 14.20 44.93 17.27
N VAL A 118 14.56 45.11 18.55
CA VAL A 118 15.76 45.82 18.86
C VAL A 118 17.02 44.99 18.61
N ASN A 119 17.06 43.79 19.21
CA ASN A 119 18.29 43.04 19.33
C ASN A 119 18.73 42.39 18.03
N VAL A 120 17.75 41.98 17.24
CA VAL A 120 18.04 41.24 16.03
C VAL A 120 17.80 42.12 14.81
N ASN A 121 16.60 42.69 14.66
CA ASN A 121 16.35 43.54 13.49
C ASN A 121 17.33 44.72 13.48
N GLY A 122 17.58 45.31 14.64
CA GLY A 122 18.56 46.37 14.81
C GLY A 122 19.95 46.02 14.36
N THR A 123 20.36 44.76 14.57
CA THR A 123 21.65 44.24 14.07
C THR A 123 21.65 44.14 12.54
N PHE A 124 20.68 43.43 11.93
CA PHE A 124 20.57 43.39 10.46
C PHE A 124 20.57 44.78 9.89
N TYR A 125 19.71 45.65 10.41
CA TYR A 125 19.50 46.97 9.80
C TYR A 125 20.73 47.85 9.92
N ALA A 126 21.44 47.77 11.03
CA ALA A 126 22.62 48.58 11.17
C ALA A 126 23.69 48.15 10.17
N VAL A 127 23.84 46.86 9.95
CA VAL A 127 24.81 46.37 8.99
C VAL A 127 24.39 46.72 7.58
N GLN A 128 23.12 46.50 7.27
CA GLN A 128 22.62 46.79 5.91
C GLN A 128 22.75 48.25 5.57
N ALA A 129 22.44 49.10 6.53
CA ALA A 129 22.50 50.56 6.34
C ALA A 129 23.90 51.04 5.99
N CYS A 130 24.89 50.44 6.66
CA CYS A 130 26.30 50.77 6.51
C CYS A 130 26.99 50.00 5.38
N LEU A 131 26.29 49.09 4.72
CA LEU A 131 26.96 48.14 3.81
C LEU A 131 27.65 48.80 2.63
N ASP A 132 26.97 49.74 1.97
CA ASP A 132 27.59 50.44 0.83
C ASP A 132 28.91 51.16 1.23
N ALA A 133 28.90 51.79 2.40
CA ALA A 133 30.09 52.44 2.93
C ALA A 133 31.19 51.46 3.29
N LEU A 134 30.80 50.35 3.92
CA LEU A 134 31.74 49.28 4.28
C LEU A 134 32.40 48.67 3.06
N ILE A 135 31.64 48.57 1.96
CA ILE A 135 32.22 48.12 0.70
C ILE A 135 33.23 49.14 0.15
N ALA A 136 32.85 50.41 0.21
CA ALA A 136 33.72 51.50 -0.27
C ALA A 136 35.01 51.62 0.54
N SER A 137 34.91 51.28 1.83
CA SER A 137 36.06 51.28 2.74
C SER A 137 37.25 50.51 2.17
N GLY A 138 37.02 49.29 1.70
CA GLY A 138 38.10 48.37 1.33
C GLY A 138 38.71 47.57 2.47
N SER A 139 38.48 47.99 3.71
CA SER A 139 38.86 47.19 4.88
C SER A 139 37.74 47.22 5.94
N GLY A 140 36.52 46.94 5.51
CA GLY A 140 35.35 47.07 6.36
C GLY A 140 35.30 46.01 7.46
N ARG A 141 34.58 46.37 8.50
CA ARG A 141 34.51 45.60 9.73
C ARG A 141 33.12 45.70 10.30
N VAL A 142 32.53 44.55 10.58
CA VAL A 142 31.32 44.45 11.37
C VAL A 142 31.67 43.71 12.70
N VAL A 143 31.31 44.36 13.80
CA VAL A 143 31.51 43.81 15.18
C VAL A 143 30.17 43.80 15.85
N LEU A 144 29.69 42.60 16.18
CA LEU A 144 28.40 42.46 16.84
C LEU A 144 28.59 42.30 18.35
N THR A 145 27.76 42.96 19.17
CA THR A 145 27.74 42.67 20.58
C THR A 145 26.65 41.63 20.85
N SER A 146 27.09 40.40 21.08
CA SER A 146 26.22 39.30 21.46
C SER A 146 26.27 39.19 23.02
N SER A 147 26.37 37.97 23.57
CA SER A 147 26.41 37.70 24.99
C SER A 147 26.77 36.24 25.15
N ILE A 148 27.34 35.89 26.31
CA ILE A 148 27.43 34.48 26.66
C ILE A 148 26.04 33.82 26.75
N THR A 149 25.04 34.60 27.16
CA THR A 149 23.68 34.11 27.38
C THR A 149 22.99 33.95 26.04
N GLY A 150 22.74 32.70 25.70
CA GLY A 150 22.17 32.29 24.42
C GLY A 150 23.07 31.37 23.66
N PRO A 151 24.18 31.90 23.15
CA PRO A 151 25.19 31.05 22.48
C PRO A 151 25.82 29.99 23.34
N ILE A 152 25.99 30.28 24.63
CA ILE A 152 26.66 29.36 25.53
C ILE A 152 25.84 28.94 26.72
N THR A 153 25.36 29.91 27.49
CA THR A 153 24.63 29.64 28.70
C THR A 153 23.14 29.92 28.56
N GLY A 154 22.42 29.49 29.57
CA GLY A 154 21.03 29.89 29.78
C GLY A 154 20.82 30.54 31.12
N TYR A 155 19.72 31.30 31.25
CA TYR A 155 19.44 32.02 32.46
C TYR A 155 17.94 32.23 32.49
N PRO A 156 17.23 31.51 33.36
CA PRO A 156 15.75 31.61 33.42
C PRO A 156 15.28 33.09 33.49
N GLY A 157 14.33 33.42 32.66
CA GLY A 157 13.82 34.77 32.50
C GLY A 157 14.35 35.43 31.26
N TRP A 158 15.38 34.84 30.63
CA TRP A 158 16.02 35.44 29.50
C TRP A 158 16.03 34.50 28.30
N SER A 159 15.01 33.65 28.15
CA SER A 159 15.02 32.74 26.97
C SER A 159 14.88 33.49 25.65
N HIS A 160 14.12 34.59 25.71
CA HIS A 160 14.01 35.44 24.53
C HIS A 160 15.30 36.21 24.24
N TYR A 161 15.93 36.75 25.27
CA TYR A 161 17.20 37.46 25.12
C TYR A 161 18.26 36.53 24.57
N GLY A 162 18.36 35.35 25.18
CA GLY A 162 19.34 34.40 24.73
C GLY A 162 19.13 34.02 23.26
N ALA A 163 17.86 33.85 22.90
CA ALA A 163 17.47 33.62 21.53
C ALA A 163 17.96 34.76 20.63
N THR A 164 17.80 36.00 21.06
CA THR A 164 18.31 37.11 20.19
C THR A 164 19.84 37.08 20.04
N LYS A 165 20.54 36.76 21.14
CA LYS A 165 22.00 36.77 21.15
C LYS A 165 22.59 35.65 20.25
N ALA A 166 21.99 34.48 20.29
CA ALA A 166 22.37 33.41 19.44
C ALA A 166 21.99 33.72 17.97
N ALA A 167 20.84 34.37 17.74
CA ALA A 167 20.43 34.81 16.39
C ALA A 167 21.50 35.66 15.72
N GLN A 168 22.12 36.55 16.49
CA GLN A 168 23.20 37.38 15.97
C GLN A 168 24.35 36.57 15.41
N LEU A 169 24.70 35.48 16.07
CA LEU A 169 25.79 34.60 15.63
C LEU A 169 25.36 33.79 14.40
N GLY A 170 24.11 33.35 14.33
CA GLY A 170 23.61 32.73 13.11
C GLY A 170 23.68 33.65 11.88
N PHE A 171 23.26 34.91 12.06
CA PHE A 171 23.49 35.95 11.10
C PHE A 171 24.97 36.05 10.74
N MET A 172 25.84 36.14 11.76
CA MET A 172 27.27 36.26 11.53
C MET A 172 27.85 35.23 10.60
N ARG A 173 27.53 33.98 10.85
CA ARG A 173 28.15 32.87 10.13
C ARG A 173 27.85 32.88 8.64
N THR A 174 26.66 33.35 8.23
CA THR A 174 26.40 33.63 6.83
C THR A 174 26.98 34.98 6.33
N ALA A 175 26.83 36.04 7.12
CA ALA A 175 27.26 37.37 6.70
C ALA A 175 28.77 37.43 6.46
N ALA A 176 29.54 36.70 7.27
CA ALA A 176 30.96 36.55 7.06
C ALA A 176 31.32 36.01 5.66
N ILE A 177 30.53 35.05 5.16
CA ILE A 177 30.76 34.46 3.84
C ILE A 177 30.29 35.44 2.77
N GLU A 178 29.08 35.95 2.97
CA GLU A 178 28.45 36.78 2.01
C GLU A 178 29.22 38.11 1.77
N LEU A 179 29.91 38.63 2.79
CA LEU A 179 30.60 39.91 2.69
C LEU A 179 32.11 39.78 2.47
N ALA A 180 32.62 38.55 2.52
CA ALA A 180 34.05 38.28 2.28
C ALA A 180 34.55 38.81 0.92
N PRO A 181 33.79 38.66 -0.18
CA PRO A 181 34.25 39.20 -1.47
C PRO A 181 34.49 40.70 -1.41
N HIS A 182 33.85 41.38 -0.47
CA HIS A 182 34.03 42.83 -0.29
C HIS A 182 35.11 43.22 0.70
N LYS A 183 35.84 42.23 1.21
CA LYS A 183 36.89 42.46 2.20
C LYS A 183 36.34 42.98 3.54
N ILE A 184 35.09 42.65 3.83
CA ILE A 184 34.47 42.97 5.12
C ILE A 184 34.48 41.73 6.01
N THR A 185 35.09 41.86 7.19
CA THR A 185 35.02 40.79 8.18
C THR A 185 33.79 41.00 9.07
N VAL A 186 33.25 39.91 9.61
CA VAL A 186 32.09 39.97 10.50
C VAL A 186 32.36 39.06 11.68
N ASN A 187 32.52 39.68 12.86
CA ASN A 187 32.83 38.96 14.11
C ASN A 187 31.88 39.41 15.22
N ALA A 188 31.85 38.68 16.35
CA ALA A 188 30.99 38.94 17.46
C ALA A 188 31.76 38.85 18.76
N ILE A 189 31.35 39.67 19.71
CA ILE A 189 31.88 39.62 21.08
C ILE A 189 30.73 39.14 21.98
N MET A 190 31.05 38.19 22.84
CA MET A 190 30.11 37.69 23.84
C MET A 190 30.55 38.14 25.22
N PRO A 191 30.08 39.32 25.63
CA PRO A 191 30.38 39.76 26.98
C PRO A 191 29.78 38.78 28.01
N GLY A 192 30.54 38.55 29.07
CA GLY A 192 30.01 38.00 30.32
C GLY A 192 29.39 39.04 31.21
N ASN A 193 29.78 39.04 32.47
CA ASN A 193 29.27 40.02 33.43
C ASN A 193 30.18 41.21 33.48
N ILE A 194 29.65 42.33 33.00
CA ILE A 194 30.42 43.57 32.84
C ILE A 194 29.83 44.59 33.77
N MET A 195 30.71 45.25 34.53
CA MET A 195 30.29 46.26 35.49
C MET A 195 29.84 47.48 34.71
N THR A 196 28.61 47.92 34.92
CA THR A 196 28.15 49.19 34.31
C THR A 196 27.56 50.08 35.40
N GLU A 197 27.33 51.35 35.05
CA GLU A 197 26.62 52.25 35.99
C GLU A 197 25.26 51.67 36.40
N GLY A 198 24.53 51.14 35.43
CA GLY A 198 23.23 50.52 35.73
C GLY A 198 23.34 49.42 36.79
N LEU A 199 24.37 48.59 36.70
CA LEU A 199 24.55 47.48 37.61
C LEU A 199 25.00 47.93 39.02
N LEU A 200 25.68 49.07 39.12
CA LEU A 200 26.12 49.64 40.42
C LEU A 200 24.95 50.15 41.30
N GLU A 201 23.82 50.46 40.66
CA GLU A 201 22.57 50.83 41.39
C GLU A 201 22.13 49.71 42.35
N ASN A 202 22.43 48.46 41.98
CA ASN A 202 22.17 47.28 42.83
C ASN A 202 23.03 47.18 44.08
N GLY A 203 24.13 47.94 44.15
CA GLY A 203 24.99 47.96 45.33
C GLY A 203 26.15 46.95 45.34
N GLU A 204 27.12 47.20 46.22
CA GLU A 204 28.39 46.46 46.20
C GLU A 204 28.30 44.99 46.63
N GLU A 205 27.34 44.64 47.49
CA GLU A 205 27.19 43.24 47.97
C GLU A 205 26.70 42.32 46.84
N TYR A 206 25.77 42.84 46.04
CA TYR A 206 25.25 42.11 44.89
C TYR A 206 26.37 41.80 43.87
N ILE A 207 27.18 42.82 43.58
CA ILE A 207 28.31 42.67 42.65
C ILE A 207 29.32 41.66 43.20
N ALA A 208 29.66 41.77 44.48
CA ALA A 208 30.63 40.85 45.06
C ALA A 208 30.15 39.40 44.97
N SER A 209 28.86 39.20 45.17
CA SER A 209 28.30 37.87 45.08
C SER A 209 28.45 37.30 43.65
N MET A 210 28.14 38.13 42.66
CA MET A 210 28.28 37.75 41.27
CA MET A 210 28.27 37.75 41.28
C MET A 210 29.74 37.37 40.97
N ALA A 211 30.66 38.20 41.42
CA ALA A 211 32.10 38.04 41.22
C ALA A 211 32.66 36.73 41.76
N ARG A 212 32.06 36.18 42.82
CA ARG A 212 32.54 34.91 43.39
C ARG A 212 32.29 33.73 42.43
N SER A 213 31.41 33.90 41.46
CA SER A 213 31.15 32.87 40.47
C SER A 213 32.04 32.97 39.22
N ILE A 214 32.94 33.95 39.19
CA ILE A 214 33.81 34.19 38.05
C ILE A 214 35.28 33.81 38.38
N PRO A 215 35.92 32.94 37.55
CA PRO A 215 37.33 32.60 37.89
C PRO A 215 38.22 33.81 38.07
N ALA A 216 38.05 34.83 37.22
CA ALA A 216 38.83 36.09 37.35
C ALA A 216 38.59 36.80 38.69
N GLY A 217 37.45 36.54 39.32
CA GLY A 217 37.15 37.08 40.66
C GLY A 217 36.67 38.53 40.69
N ALA A 218 36.36 39.06 39.51
CA ALA A 218 35.82 40.39 39.35
C ALA A 218 35.00 40.44 38.09
N LEU A 219 34.08 41.38 38.05
CA LEU A 219 33.35 41.67 36.82
C LEU A 219 34.31 42.42 35.87
N GLY A 220 34.08 42.29 34.56
CA GLY A 220 34.85 43.03 33.57
C GLY A 220 34.37 44.45 33.41
N THR A 221 34.95 45.17 32.46
CA THR A 221 34.64 46.57 32.28
C THR A 221 34.18 46.82 30.86
N PRO A 222 33.51 47.94 30.63
CA PRO A 222 33.15 48.21 29.25
C PRO A 222 34.33 48.37 28.32
N GLU A 223 35.44 48.85 28.83
CA GLU A 223 36.63 49.02 28.04
CA GLU A 223 36.58 49.01 27.94
C GLU A 223 37.20 47.64 27.61
N ASP A 224 36.95 46.60 28.41
CA ASP A 224 37.38 45.25 28.04
C ASP A 224 36.72 44.85 26.68
N ILE A 225 35.45 45.18 26.55
CA ILE A 225 34.71 44.93 25.32
C ILE A 225 35.23 45.85 24.24
N GLY A 226 35.38 47.14 24.55
CA GLY A 226 35.90 48.07 23.55
C GLY A 226 37.27 47.72 23.02
N HIS A 227 38.17 47.24 23.87
CA HIS A 227 39.51 46.85 23.40
C HIS A 227 39.49 45.70 22.40
N LEU A 228 38.58 44.75 22.59
CA LEU A 228 38.46 43.64 21.65
C LEU A 228 37.84 44.12 20.33
N ALA A 229 36.80 44.93 20.41
CA ALA A 229 36.21 45.53 19.24
C ALA A 229 37.27 46.30 18.45
N ALA A 230 38.14 47.04 19.16
CA ALA A 230 39.19 47.84 18.50
C ALA A 230 40.20 46.98 17.79
N PHE A 231 40.60 45.87 18.42
CA PHE A 231 41.46 44.93 17.77
C PHE A 231 40.86 44.36 16.49
N LEU A 232 39.60 43.89 16.58
CA LEU A 232 38.93 43.31 15.42
C LEU A 232 38.85 44.31 14.28
N ALA A 233 38.76 45.59 14.62
CA ALA A 233 38.65 46.65 13.64
C ALA A 233 39.98 47.00 12.92
N THR A 234 41.11 46.53 13.45
CA THR A 234 42.42 46.80 12.82
C THR A 234 42.62 46.08 11.50
N LYS A 235 43.52 46.63 10.68
CA LYS A 235 43.96 45.91 9.50
C LYS A 235 44.57 44.59 9.85
N GLU A 236 45.17 44.52 11.04
CA GLU A 236 45.88 43.32 11.50
C GLU A 236 44.97 42.15 11.79
N ALA A 237 43.65 42.41 11.89
CA ALA A 237 42.67 41.38 12.19
C ALA A 237 41.88 40.95 10.97
N GLY A 238 42.42 41.23 9.77
CA GLY A 238 41.72 40.99 8.51
C GLY A 238 41.44 39.55 8.13
N TYR A 239 42.14 38.61 8.75
CA TYR A 239 41.96 37.18 8.43
C TYR A 239 41.10 36.50 9.49
N ILE A 240 40.54 37.28 10.40
CA ILE A 240 39.64 36.75 11.42
C ILE A 240 38.21 37.17 11.01
N THR A 241 37.34 36.19 10.77
CA THR A 241 35.97 36.44 10.41
C THR A 241 35.14 35.25 10.78
N GLY A 242 33.89 35.58 11.14
CA GLY A 242 32.93 34.64 11.69
C GLY A 242 33.22 34.07 13.06
N GLN A 243 33.97 34.79 13.87
CA GLN A 243 34.32 34.30 15.17
C GLN A 243 33.49 34.98 16.22
N ALA A 244 33.03 34.23 17.19
CA ALA A 244 32.38 34.82 18.37
C ALA A 244 33.34 34.60 19.53
N ILE A 245 33.68 35.65 20.24
CA ILE A 245 34.74 35.60 21.23
C ILE A 245 34.18 36.06 22.56
N ALA A 246 34.26 35.21 23.58
CA ALA A 246 33.71 35.59 24.90
C ALA A 246 34.71 36.44 25.68
N VAL A 247 34.22 37.47 26.36
CA VAL A 247 35.03 38.36 27.18
C VAL A 247 34.31 38.26 28.53
N ASP A 248 34.73 37.25 29.32
CA ASP A 248 33.94 36.83 30.52
C ASP A 248 34.71 36.36 31.73
N GLY A 249 36.00 36.55 31.73
CA GLY A 249 36.80 36.25 32.96
C GLY A 249 36.75 34.77 33.32
N GLY A 250 36.38 33.95 32.33
CA GLY A 250 36.27 32.49 32.51
C GLY A 250 34.94 32.02 33.03
N GLN A 251 33.96 32.92 33.08
CA GLN A 251 32.65 32.59 33.68
C GLN A 251 32.02 31.26 33.16
N VAL A 252 32.11 31.00 31.86
CA VAL A 252 31.42 29.84 31.30
C VAL A 252 32.18 28.54 31.51
N LEU A 253 33.41 28.58 32.02
CA LEU A 253 34.26 27.35 32.07
C LEU A 253 33.96 26.34 33.21
N PRO A 254 33.73 26.81 34.43
CA PRO A 254 33.58 25.88 35.54
C PRO A 254 32.32 25.05 35.45
N GLU A 255 32.51 23.80 35.77
CA GLU A 255 31.47 22.81 35.77
CA GLU A 255 31.43 22.84 35.78
C GLU A 255 30.41 23.24 36.82
N SER A 256 30.87 23.83 37.93
CA SER A 256 29.97 24.33 38.97
C SER A 256 30.77 25.27 39.85
N LEU A 257 30.12 25.88 40.83
CA LEU A 257 30.84 26.71 41.80
C LEU A 257 31.98 25.96 42.41
N ASP A 258 31.83 24.67 42.60
CA ASP A 258 32.88 23.86 43.20
C ASP A 258 34.18 23.80 42.37
N ALA A 259 34.09 24.07 41.07
CA ALA A 259 35.27 24.00 40.21
C ALA A 259 36.06 25.31 40.19
N ILE A 260 35.62 26.35 40.90
CA ILE A 260 36.35 27.60 40.91
C ILE A 260 37.52 27.56 41.88
N ALA A 261 38.71 27.92 41.43
CA ALA A 261 39.89 27.98 42.33
C ALA A 261 40.04 29.41 42.82
N THR A 262 40.70 29.63 43.95
CA THR A 262 40.77 31.02 44.45
C THR A 262 42.12 31.42 45.04
N GLY B 1 -16.30 6.97 -15.57
CA GLY B 1 -16.65 7.11 -17.01
C GLY B 1 -15.81 6.28 -17.96
N PRO B 2 -15.59 6.80 -19.18
CA PRO B 2 -14.82 6.06 -20.20
C PRO B 2 -13.41 5.61 -19.75
N GLY B 3 -12.77 6.38 -18.87
CA GLY B 3 -11.44 5.98 -18.42
C GLY B 3 -11.39 4.92 -17.35
N SER B 4 -12.47 4.81 -16.58
CA SER B 4 -12.44 4.04 -15.35
C SER B 4 -13.24 2.73 -15.43
N MET B 5 -14.24 2.66 -16.30
CA MET B 5 -15.13 1.49 -16.39
C MET B 5 -14.39 0.29 -17.00
N PHE B 6 -14.52 -0.89 -16.40
CA PHE B 6 -13.89 -2.13 -16.89
C PHE B 6 -12.35 -2.17 -16.86
N ASP B 7 -11.76 -1.43 -15.92
CA ASP B 7 -10.31 -1.43 -15.72
C ASP B 7 -9.79 -2.81 -15.30
N LEU B 8 -8.77 -3.27 -16.00
CA LEU B 8 -8.04 -4.48 -15.62
C LEU B 8 -6.54 -4.22 -15.39
N GLN B 9 -6.09 -2.97 -15.46
CA GLN B 9 -4.65 -2.70 -15.39
C GLN B 9 -4.14 -3.20 -14.04
N GLY B 10 -3.05 -3.97 -14.05
CA GLY B 10 -2.45 -4.47 -12.81
C GLY B 10 -3.13 -5.72 -12.22
N ARG B 11 -4.26 -6.14 -12.78
CA ARG B 11 -4.84 -7.40 -12.35
C ARG B 11 -3.98 -8.55 -12.85
N SER B 12 -3.92 -9.63 -12.08
CA SER B 12 -2.97 -10.72 -12.34
C SER B 12 -3.70 -11.97 -12.79
N VAL B 13 -3.31 -12.49 -13.96
CA VAL B 13 -4.06 -13.48 -14.64
C VAL B 13 -3.18 -14.67 -14.98
N VAL B 14 -3.68 -15.85 -14.70
CA VAL B 14 -3.09 -17.10 -15.13
C VAL B 14 -3.96 -17.67 -16.25
N VAL B 15 -3.35 -18.03 -17.39
CA VAL B 15 -4.07 -18.62 -18.53
C VAL B 15 -3.41 -19.97 -18.87
N THR B 16 -4.11 -21.07 -18.59
CA THR B 16 -3.60 -22.37 -18.99
C THR B 16 -3.91 -22.61 -20.49
N GLY B 17 -3.03 -23.31 -21.18
CA GLY B 17 -3.16 -23.47 -22.63
C GLY B 17 -3.16 -22.13 -23.32
N GLY B 18 -2.28 -21.23 -22.87
CA GLY B 18 -2.31 -19.86 -23.25
C GLY B 18 -1.42 -19.46 -24.44
N THR B 19 -0.81 -20.44 -25.10
CA THR B 19 0.18 -20.12 -26.11
C THR B 19 -0.33 -20.20 -27.54
N LYS B 20 -1.53 -20.77 -27.75
CA LYS B 20 -2.09 -20.95 -29.08
C LYS B 20 -3.60 -20.74 -29.04
N GLY B 21 -4.17 -20.45 -30.22
CA GLY B 21 -5.60 -20.49 -30.43
C GLY B 21 -6.38 -19.64 -29.43
N ILE B 22 -7.43 -20.22 -28.86
CA ILE B 22 -8.34 -19.45 -28.00
C ILE B 22 -7.60 -18.94 -26.77
N GLY B 23 -6.76 -19.79 -26.19
CA GLY B 23 -6.01 -19.38 -24.99
C GLY B 23 -5.09 -18.20 -25.27
N ARG B 24 -4.45 -18.20 -26.44
CA ARG B 24 -3.63 -17.04 -26.81
C ARG B 24 -4.48 -15.79 -26.99
N GLY B 25 -5.68 -15.95 -27.56
CA GLY B 25 -6.64 -14.85 -27.67
C GLY B 25 -7.01 -14.24 -26.32
N ILE B 26 -7.24 -15.11 -25.35
CA ILE B 26 -7.53 -14.67 -23.96
C ILE B 26 -6.32 -13.90 -23.38
N ALA B 27 -5.13 -14.47 -23.49
CA ALA B 27 -3.90 -13.89 -22.95
C ALA B 27 -3.62 -12.52 -23.58
N THR B 28 -3.87 -12.43 -24.89
CA THR B 28 -3.66 -11.22 -25.66
C THR B 28 -4.56 -10.07 -25.19
N VAL B 29 -5.83 -10.37 -25.01
CA VAL B 29 -6.77 -9.37 -24.51
C VAL B 29 -6.35 -8.87 -23.12
N PHE B 30 -6.04 -9.76 -22.18
CA PHE B 30 -5.55 -9.29 -20.87
C PHE B 30 -4.27 -8.47 -20.94
N ALA B 31 -3.33 -8.89 -21.78
CA ALA B 31 -2.05 -8.16 -21.92
C ALA B 31 -2.33 -6.74 -22.43
N ARG B 32 -3.15 -6.64 -23.47
CA ARG B 32 -3.55 -5.30 -24.01
C ARG B 32 -4.23 -4.41 -22.96
N ALA B 33 -5.00 -5.03 -22.07
CA ALA B 33 -5.72 -4.32 -20.99
C ALA B 33 -4.80 -3.91 -19.86
N GLY B 34 -3.52 -4.27 -19.93
CA GLY B 34 -2.56 -3.88 -18.92
C GLY B 34 -2.44 -4.85 -17.76
N ALA B 35 -2.99 -6.05 -17.91
CA ALA B 35 -2.90 -7.05 -16.85
C ALA B 35 -1.53 -7.73 -16.88
N ASN B 36 -1.16 -8.28 -15.73
CA ASN B 36 -0.05 -9.20 -15.63
C ASN B 36 -0.59 -10.56 -16.08
N VAL B 37 0.18 -11.29 -16.89
CA VAL B 37 -0.31 -12.53 -17.49
C VAL B 37 0.77 -13.58 -17.39
N ALA B 38 0.42 -14.70 -16.77
CA ALA B 38 1.24 -15.90 -16.79
C ALA B 38 0.59 -16.87 -17.77
N VAL B 39 1.28 -17.17 -18.86
CA VAL B 39 0.79 -18.18 -19.81
C VAL B 39 1.49 -19.47 -19.57
N ALA B 40 0.68 -20.52 -19.55
CA ALA B 40 1.15 -21.87 -19.41
C ALA B 40 0.96 -22.63 -20.70
N GLY B 41 1.85 -23.57 -20.95
CA GLY B 41 1.76 -24.39 -22.15
C GLY B 41 2.70 -25.58 -22.02
N ARG B 42 2.69 -26.46 -23.00
CA ARG B 42 3.53 -27.65 -22.96
C ARG B 42 4.84 -27.48 -23.70
N SER B 43 4.87 -26.56 -24.66
CA SER B 43 5.99 -26.43 -25.56
C SER B 43 6.79 -25.16 -25.29
N THR B 44 8.04 -25.31 -24.86
CA THR B 44 8.85 -24.16 -24.42
C THR B 44 9.08 -23.14 -25.52
N ALA B 45 9.17 -23.61 -26.77
CA ALA B 45 9.37 -22.70 -27.89
C ALA B 45 8.10 -21.87 -28.18
N ASP B 46 6.93 -22.48 -28.09
CA ASP B 46 5.69 -21.73 -28.23
C ASP B 46 5.50 -20.76 -27.04
N ILE B 47 5.84 -21.20 -25.82
CA ILE B 47 5.73 -20.33 -24.63
C ILE B 47 6.60 -19.09 -24.77
N ASP B 48 7.87 -19.29 -25.08
CA ASP B 48 8.79 -18.15 -25.21
C ASP B 48 8.37 -17.14 -26.31
N ALA B 49 7.90 -17.64 -27.45
CA ALA B 49 7.42 -16.82 -28.59
C ALA B 49 6.18 -16.02 -28.21
N CYS B 50 5.24 -16.71 -27.57
CA CYS B 50 4.02 -16.06 -27.08
C CYS B 50 4.36 -14.93 -26.08
N VAL B 51 5.21 -15.23 -25.11
CA VAL B 51 5.53 -14.28 -24.03
C VAL B 51 6.19 -13.02 -24.58
N ALA B 52 7.12 -13.22 -25.51
CA ALA B 52 7.79 -12.11 -26.18
C ALA B 52 6.81 -11.16 -26.85
N ASP B 53 5.83 -11.68 -27.59
CA ASP B 53 4.82 -10.84 -28.24
C ASP B 53 3.90 -10.16 -27.22
N LEU B 54 3.40 -10.95 -26.26
CA LEU B 54 2.44 -10.42 -25.30
C LEU B 54 3.03 -9.36 -24.36
N ASP B 55 4.32 -9.49 -24.03
CA ASP B 55 4.94 -8.55 -23.13
C ASP B 55 5.00 -7.16 -23.77
N GLN B 56 4.99 -7.09 -25.10
CA GLN B 56 5.02 -5.82 -25.80
C GLN B 56 3.66 -5.13 -25.86
N LEU B 57 2.57 -5.81 -25.50
CA LEU B 57 1.24 -5.23 -25.74
C LEU B 57 0.74 -4.30 -24.66
N GLY B 58 1.33 -4.32 -23.47
CA GLY B 58 0.88 -3.48 -22.39
C GLY B 58 1.85 -3.35 -21.24
N SER B 59 1.42 -2.64 -20.21
CA SER B 59 2.28 -2.24 -19.08
C SER B 59 2.50 -3.35 -18.05
N GLY B 60 1.68 -4.41 -18.11
CA GLY B 60 1.77 -5.52 -17.19
C GLY B 60 2.96 -6.44 -17.46
N LYS B 61 3.30 -7.28 -16.50
CA LYS B 61 4.40 -8.26 -16.66
C LYS B 61 3.82 -9.50 -17.31
N VAL B 62 4.48 -10.04 -18.32
CA VAL B 62 4.06 -11.33 -18.89
C VAL B 62 5.14 -12.38 -18.66
N ILE B 63 4.76 -13.53 -18.12
CA ILE B 63 5.69 -14.66 -17.96
C ILE B 63 5.11 -15.92 -18.59
N GLY B 64 5.98 -16.88 -18.85
CA GLY B 64 5.57 -18.18 -19.38
C GLY B 64 6.06 -19.31 -18.50
N VAL B 65 5.27 -20.37 -18.39
CA VAL B 65 5.59 -21.49 -17.52
C VAL B 65 5.19 -22.79 -18.18
N GLN B 66 6.15 -23.70 -18.35
CA GLN B 66 5.83 -25.00 -18.93
C GLN B 66 5.09 -25.80 -17.87
N THR B 67 3.87 -26.24 -18.25
CA THR B 67 2.95 -26.85 -17.32
C THR B 67 2.12 -27.92 -18.06
N ASP B 68 2.12 -29.14 -17.52
CA ASP B 68 1.14 -30.16 -17.90
C ASP B 68 0.01 -30.04 -16.88
N VAL B 69 -1.12 -29.48 -17.26
CA VAL B 69 -2.20 -29.23 -16.28
C VAL B 69 -2.81 -30.51 -15.69
N SER B 70 -2.57 -31.68 -16.32
CA SER B 70 -3.09 -32.93 -15.78
C SER B 70 -2.34 -33.38 -14.50
N ASP B 71 -1.27 -32.67 -14.17
CA ASP B 71 -0.45 -32.98 -12.99
C ASP B 71 -0.70 -31.88 -11.96
N ARG B 72 -1.40 -32.21 -10.87
CA ARG B 72 -1.70 -31.23 -9.85
C ARG B 72 -0.45 -30.47 -9.35
N ALA B 73 0.67 -31.17 -9.21
CA ALA B 73 1.90 -30.53 -8.72
C ALA B 73 2.44 -29.48 -9.68
N GLN B 74 2.26 -29.72 -10.98
CA GLN B 74 2.72 -28.73 -11.97
C GLN B 74 1.81 -27.52 -11.95
N CYS B 75 0.51 -27.72 -11.70
CA CYS B 75 -0.42 -26.58 -11.51
C CYS B 75 0.00 -25.76 -10.27
N ASP B 76 0.33 -26.44 -9.17
CA ASP B 76 0.76 -25.72 -7.96
C ASP B 76 2.00 -24.89 -8.28
N ALA B 77 2.91 -25.46 -9.08
CA ALA B 77 4.16 -24.75 -9.44
C ALA B 77 3.84 -23.52 -10.28
N LEU B 78 2.90 -23.65 -11.22
CA LEU B 78 2.42 -22.50 -12.00
C LEU B 78 1.89 -21.36 -11.15
N ALA B 79 0.98 -21.69 -10.24
CA ALA B 79 0.43 -20.71 -9.32
C ALA B 79 1.55 -20.07 -8.51
N GLY B 80 2.51 -20.86 -8.06
CA GLY B 80 3.62 -20.32 -7.27
C GLY B 80 4.48 -19.31 -8.02
N ARG B 81 4.76 -19.60 -9.28
CA ARG B 81 5.47 -18.66 -10.14
C ARG B 81 4.70 -17.35 -10.32
N ALA B 82 3.39 -17.43 -10.55
CA ALA B 82 2.57 -16.24 -10.76
C ALA B 82 2.59 -15.37 -9.48
N VAL B 83 2.44 -16.02 -8.34
CA VAL B 83 2.45 -15.29 -7.07
C VAL B 83 3.82 -14.66 -6.81
N GLU B 84 4.89 -15.42 -7.07
CA GLU B 84 6.25 -14.88 -6.92
C GLU B 84 6.48 -13.65 -7.82
N GLU B 85 6.06 -13.71 -9.07
CA GLU B 85 6.35 -12.64 -10.04
C GLU B 85 5.39 -11.44 -9.96
N PHE B 86 4.11 -11.71 -9.68
CA PHE B 86 3.08 -10.68 -9.69
C PHE B 86 2.65 -10.22 -8.31
N GLY B 87 2.90 -11.06 -7.30
CA GLY B 87 2.46 -10.76 -5.94
C GLY B 87 1.08 -11.31 -5.60
N GLY B 88 0.42 -11.92 -6.58
CA GLY B 88 -0.89 -12.52 -6.35
C GLY B 88 -1.46 -13.04 -7.65
N ILE B 89 -2.68 -13.59 -7.56
CA ILE B 89 -3.47 -13.99 -8.71
C ILE B 89 -4.91 -13.53 -8.46
N ASP B 90 -5.46 -12.75 -9.38
CA ASP B 90 -6.87 -12.32 -9.34
C ASP B 90 -7.79 -13.15 -10.22
N VAL B 91 -7.23 -13.69 -11.32
CA VAL B 91 -8.01 -14.37 -12.33
C VAL B 91 -7.29 -15.63 -12.76
N VAL B 92 -8.02 -16.77 -12.76
CA VAL B 92 -7.51 -17.98 -13.43
C VAL B 92 -8.43 -18.32 -14.62
N CYS B 93 -7.85 -18.40 -15.82
CA CYS B 93 -8.54 -18.81 -17.03
C CYS B 93 -8.10 -20.24 -17.28
N ALA B 94 -8.96 -21.17 -16.84
CA ALA B 94 -8.74 -22.60 -16.96
C ALA B 94 -9.21 -22.95 -18.35
N ASN B 95 -8.29 -22.79 -19.29
CA ASN B 95 -8.60 -22.81 -20.72
C ASN B 95 -8.05 -24.08 -21.38
N ALA B 96 -6.99 -24.67 -20.82
CA ALA B 96 -6.32 -25.80 -21.45
C ALA B 96 -7.35 -26.86 -21.82
N GLY B 97 -7.20 -27.40 -23.02
CA GLY B 97 -8.02 -28.50 -23.41
C GLY B 97 -7.60 -29.05 -24.77
N VAL B 98 -7.91 -30.33 -24.96
CA VAL B 98 -7.65 -31.01 -26.21
C VAL B 98 -8.95 -31.61 -26.75
N PHE B 99 -8.99 -31.82 -28.07
CA PHE B 99 -10.18 -32.32 -28.74
C PHE B 99 -9.90 -33.42 -29.80
N PRO B 100 -9.13 -34.44 -29.41
CA PRO B 100 -8.98 -35.60 -30.29
C PRO B 100 -10.35 -36.26 -30.47
N ASP B 101 -10.52 -36.95 -31.59
CA ASP B 101 -11.76 -37.63 -31.86
C ASP B 101 -11.62 -39.14 -31.56
N ALA B 102 -12.75 -39.74 -31.24
CA ALA B 102 -12.84 -41.20 -31.10
C ALA B 102 -14.32 -41.64 -31.21
N PRO B 103 -14.66 -42.43 -32.24
CA PRO B 103 -16.02 -42.96 -32.32
C PRO B 103 -16.31 -43.73 -31.04
N LEU B 104 -17.56 -43.66 -30.58
CA LEU B 104 -17.95 -44.37 -29.37
C LEU B 104 -17.74 -45.84 -29.49
N ALA B 105 -17.94 -46.37 -30.68
CA ALA B 105 -17.80 -47.80 -30.88
C ALA B 105 -16.37 -48.30 -30.63
N THR B 106 -15.37 -47.45 -30.89
CA THR B 106 -13.99 -47.87 -30.80
C THR B 106 -13.16 -47.21 -29.72
N MET B 107 -13.72 -46.21 -29.03
CA MET B 107 -12.99 -45.39 -28.11
C MET B 107 -12.39 -46.32 -27.05
N THR B 108 -11.09 -46.17 -26.83
CA THR B 108 -10.39 -46.97 -25.86
C THR B 108 -10.34 -46.32 -24.48
N PRO B 109 -10.09 -47.12 -23.43
CA PRO B 109 -9.84 -46.57 -22.09
C PRO B 109 -8.77 -45.51 -22.06
N GLU B 110 -7.71 -45.71 -22.84
CA GLU B 110 -6.63 -44.71 -22.91
CA GLU B 110 -6.63 -44.75 -22.92
C GLU B 110 -7.14 -43.40 -23.51
N GLN B 111 -7.94 -43.47 -24.57
CA GLN B 111 -8.51 -42.24 -25.16
C GLN B 111 -9.43 -41.50 -24.18
N LEU B 112 -10.23 -42.28 -23.47
CA LEU B 112 -11.23 -41.71 -22.54
C LEU B 112 -10.53 -41.05 -21.37
N ASN B 113 -9.66 -41.80 -20.71
CA ASN B 113 -8.93 -41.26 -19.59
C ASN B 113 -8.04 -40.09 -19.93
N GLY B 114 -7.40 -40.15 -21.10
CA GLY B 114 -6.48 -39.07 -21.46
C GLY B 114 -7.15 -37.72 -21.64
N ILE B 115 -8.34 -37.73 -22.23
CA ILE B 115 -9.01 -36.49 -22.56
C ILE B 115 -9.54 -35.89 -21.27
N PHE B 116 -10.01 -36.75 -20.36
CA PHE B 116 -10.47 -36.27 -19.07
C PHE B 116 -9.33 -35.71 -18.22
N ALA B 117 -8.14 -36.31 -18.31
CA ALA B 117 -6.98 -35.88 -17.53
C ALA B 117 -6.61 -34.45 -17.87
N VAL B 118 -6.56 -34.08 -19.15
CA VAL B 118 -6.34 -32.70 -19.49
C VAL B 118 -7.54 -31.78 -19.23
N ASN B 119 -8.69 -32.14 -19.79
CA ASN B 119 -9.79 -31.24 -19.93
C ASN B 119 -10.52 -30.98 -18.61
N VAL B 120 -10.60 -32.00 -17.77
CA VAL B 120 -11.34 -31.93 -16.53
C VAL B 120 -10.36 -31.85 -15.36
N ASN B 121 -9.45 -32.82 -15.21
CA ASN B 121 -8.53 -32.72 -14.08
C ASN B 121 -7.72 -31.42 -14.14
N GLY B 122 -7.33 -31.01 -15.33
CA GLY B 122 -6.56 -29.77 -15.49
C GLY B 122 -7.34 -28.55 -15.13
N THR B 123 -8.66 -28.59 -15.30
CA THR B 123 -9.54 -27.52 -14.81
C THR B 123 -9.63 -27.48 -13.27
N PHE B 124 -9.97 -28.59 -12.61
CA PHE B 124 -9.95 -28.67 -11.16
C PHE B 124 -8.59 -28.24 -10.63
N TYR B 125 -7.49 -28.77 -11.18
CA TYR B 125 -6.17 -28.49 -10.60
C TYR B 125 -5.71 -27.05 -10.77
N ALA B 126 -6.02 -26.45 -11.91
CA ALA B 126 -5.68 -25.05 -12.07
C ALA B 126 -6.42 -24.19 -11.07
N VAL B 127 -7.69 -24.47 -10.81
CA VAL B 127 -8.42 -23.67 -9.88
C VAL B 127 -7.91 -23.89 -8.45
N GLN B 128 -7.77 -25.16 -8.10
CA GLN B 128 -7.27 -25.51 -6.76
C GLN B 128 -5.91 -24.88 -6.49
N ALA B 129 -5.01 -24.96 -7.47
CA ALA B 129 -3.66 -24.42 -7.29
C ALA B 129 -3.64 -22.92 -7.04
N CYS B 130 -4.55 -22.23 -7.71
CA CYS B 130 -4.67 -20.78 -7.58
C CYS B 130 -5.60 -20.34 -6.43
N LEU B 131 -6.23 -21.26 -5.72
CA LEU B 131 -7.31 -20.88 -4.80
C LEU B 131 -6.86 -19.96 -3.69
N ASP B 132 -5.74 -20.29 -3.03
CA ASP B 132 -5.25 -19.45 -1.94
C ASP B 132 -5.02 -18.00 -2.42
N ALA B 133 -4.44 -17.85 -3.60
CA ALA B 133 -4.17 -16.51 -4.15
C ALA B 133 -5.49 -15.81 -4.51
N LEU B 134 -6.43 -16.58 -5.06
CA LEU B 134 -7.73 -16.02 -5.43
C LEU B 134 -8.49 -15.52 -4.20
N ILE B 135 -8.35 -16.26 -3.10
CA ILE B 135 -8.91 -15.79 -1.84
C ILE B 135 -8.30 -14.47 -1.37
N ALA B 136 -6.97 -14.42 -1.43
CA ALA B 136 -6.17 -13.25 -1.05
C ALA B 136 -6.47 -12.02 -1.91
N SER B 137 -6.86 -12.26 -3.17
CA SER B 137 -7.24 -11.20 -4.07
C SER B 137 -8.35 -10.31 -3.53
N GLY B 138 -9.43 -10.94 -3.05
CA GLY B 138 -10.61 -10.21 -2.61
C GLY B 138 -11.58 -9.90 -3.72
N SER B 139 -11.14 -10.03 -4.97
CA SER B 139 -12.04 -9.95 -6.10
C SER B 139 -11.64 -11.02 -7.14
N GLY B 140 -11.56 -12.25 -6.68
CA GLY B 140 -11.09 -13.36 -7.52
C GLY B 140 -12.10 -13.75 -8.58
N ARG B 141 -11.56 -14.32 -9.66
CA ARG B 141 -12.33 -14.68 -10.84
C ARG B 141 -11.80 -16.02 -11.36
N VAL B 142 -12.72 -16.96 -11.61
CA VAL B 142 -12.43 -18.17 -12.33
C VAL B 142 -13.24 -18.13 -13.63
N VAL B 143 -12.54 -18.31 -14.73
CA VAL B 143 -13.17 -18.35 -16.08
C VAL B 143 -12.79 -19.64 -16.78
N LEU B 144 -13.78 -20.51 -17.00
CA LEU B 144 -13.51 -21.77 -17.64
C LEU B 144 -13.76 -21.72 -19.14
N THR B 145 -12.89 -22.33 -19.94
CA THR B 145 -13.18 -22.47 -21.38
C THR B 145 -13.81 -23.83 -21.60
N SER B 146 -15.12 -23.80 -21.79
CA SER B 146 -15.90 -24.97 -22.07
C SER B 146 -16.08 -25.04 -23.60
N SER B 147 -17.28 -25.42 -24.06
CA SER B 147 -17.59 -25.50 -25.47
C SER B 147 -19.07 -25.60 -25.63
N ILE B 148 -19.58 -25.22 -26.80
CA ILE B 148 -20.94 -25.59 -27.14
C ILE B 148 -21.16 -27.09 -27.21
N THR B 149 -20.12 -27.81 -27.60
CA THR B 149 -20.18 -29.26 -27.73
C THR B 149 -20.10 -29.91 -26.37
N GLY B 150 -21.22 -30.53 -25.98
CA GLY B 150 -21.34 -31.20 -24.69
C GLY B 150 -22.46 -30.58 -23.91
N PRO B 151 -22.29 -29.32 -23.51
CA PRO B 151 -23.40 -28.66 -22.80
C PRO B 151 -24.65 -28.44 -23.64
N ILE B 152 -24.47 -28.24 -24.95
CA ILE B 152 -25.60 -27.88 -25.83
C ILE B 152 -25.78 -28.84 -26.99
N THR B 153 -24.70 -29.03 -27.76
CA THR B 153 -24.75 -29.84 -28.95
C THR B 153 -23.99 -31.14 -28.79
N GLY B 154 -24.16 -32.01 -29.77
CA GLY B 154 -23.40 -33.23 -29.90
C GLY B 154 -22.75 -33.24 -31.28
N TYR B 155 -21.70 -34.06 -31.44
CA TYR B 155 -20.95 -34.15 -32.70
C TYR B 155 -20.27 -35.51 -32.67
N PRO B 156 -20.74 -36.44 -33.50
CA PRO B 156 -20.20 -37.80 -33.57
C PRO B 156 -18.67 -37.79 -33.67
N GLY B 157 -18.05 -38.56 -32.78
CA GLY B 157 -16.61 -38.57 -32.66
C GLY B 157 -16.10 -37.85 -31.46
N TRP B 158 -16.96 -37.05 -30.82
CA TRP B 158 -16.56 -36.19 -29.74
C TRP B 158 -17.40 -36.40 -28.48
N SER B 159 -17.86 -37.63 -28.25
CA SER B 159 -18.68 -37.87 -27.09
C SER B 159 -17.87 -37.72 -25.80
N HIS B 160 -16.60 -38.12 -25.83
CA HIS B 160 -15.74 -37.93 -24.67
C HIS B 160 -15.45 -36.45 -24.45
N TYR B 161 -15.11 -35.73 -25.52
CA TYR B 161 -14.90 -34.30 -25.45
C TYR B 161 -16.11 -33.58 -24.92
N GLY B 162 -17.29 -33.83 -25.49
CA GLY B 162 -18.53 -33.17 -25.02
C GLY B 162 -18.76 -33.46 -23.53
N ALA B 163 -18.46 -34.68 -23.14
CA ALA B 163 -18.53 -35.01 -21.73
C ALA B 163 -17.60 -34.20 -20.85
N THR B 164 -16.36 -33.98 -21.31
CA THR B 164 -15.42 -33.13 -20.54
C THR B 164 -15.90 -31.66 -20.47
N LYS B 165 -16.52 -31.17 -21.55
CA LYS B 165 -16.98 -29.76 -21.60
C LYS B 165 -18.20 -29.54 -20.69
N ALA B 166 -19.11 -30.51 -20.64
CA ALA B 166 -20.24 -30.47 -19.75
C ALA B 166 -19.75 -30.65 -18.30
N ALA B 167 -18.75 -31.51 -18.09
CA ALA B 167 -18.15 -31.71 -16.75
C ALA B 167 -17.69 -30.41 -16.15
N GLN B 168 -17.07 -29.56 -16.99
CA GLN B 168 -16.60 -28.26 -16.48
C GLN B 168 -17.74 -27.43 -15.93
N LEU B 169 -18.94 -27.52 -16.55
CA LEU B 169 -20.05 -26.73 -16.09
C LEU B 169 -20.65 -27.30 -14.81
N GLY B 170 -20.64 -28.62 -14.67
CA GLY B 170 -21.07 -29.25 -13.46
C GLY B 170 -20.21 -28.84 -12.29
N PHE B 171 -18.91 -28.84 -12.51
CA PHE B 171 -17.98 -28.29 -11.52
C PHE B 171 -18.31 -26.84 -11.20
N MET B 172 -18.50 -26.00 -12.23
CA MET B 172 -18.82 -24.57 -12.02
C MET B 172 -20.01 -24.33 -11.14
N ARG B 173 -21.07 -25.11 -11.36
CA ARG B 173 -22.31 -24.87 -10.60
C ARG B 173 -22.14 -25.09 -9.10
N THR B 174 -21.30 -26.02 -8.68
CA THR B 174 -21.00 -26.13 -7.27
C THR B 174 -19.90 -25.14 -6.84
N ALA B 175 -18.84 -25.00 -7.63
CA ALA B 175 -17.71 -24.14 -7.26
C ALA B 175 -18.13 -22.70 -7.08
N ALA B 176 -19.11 -22.24 -7.88
CA ALA B 176 -19.65 -20.89 -7.75
C ALA B 176 -20.24 -20.70 -6.36
N ILE B 177 -20.89 -21.74 -5.80
CA ILE B 177 -21.48 -21.61 -4.45
C ILE B 177 -20.39 -21.72 -3.40
N GLU B 178 -19.54 -22.71 -3.57
CA GLU B 178 -18.49 -23.00 -2.63
C GLU B 178 -17.47 -21.86 -2.42
N LEU B 179 -17.18 -21.13 -3.48
CA LEU B 179 -16.23 -20.03 -3.45
C LEU B 179 -16.86 -18.64 -3.28
N ALA B 180 -18.19 -18.54 -3.30
CA ALA B 180 -18.88 -17.26 -3.10
C ALA B 180 -18.49 -16.55 -1.78
N PRO B 181 -18.32 -17.30 -0.68
CA PRO B 181 -17.92 -16.64 0.60
C PRO B 181 -16.57 -15.96 0.54
N HIS B 182 -15.75 -16.36 -0.42
CA HIS B 182 -14.47 -15.71 -0.66
C HIS B 182 -14.51 -14.61 -1.73
N LYS B 183 -15.70 -14.28 -2.20
CA LYS B 183 -15.91 -13.27 -3.20
C LYS B 183 -15.22 -13.64 -4.53
N ILE B 184 -15.15 -14.93 -4.83
CA ILE B 184 -14.65 -15.46 -6.08
C ILE B 184 -15.85 -15.86 -6.95
N THR B 185 -15.93 -15.33 -8.18
CA THR B 185 -16.97 -15.73 -9.11
C THR B 185 -16.39 -16.86 -9.97
N VAL B 186 -17.27 -17.72 -10.49
CA VAL B 186 -16.84 -18.86 -11.31
C VAL B 186 -17.83 -18.93 -12.47
N ASN B 187 -17.34 -18.64 -13.69
CA ASN B 187 -18.16 -18.59 -14.88
C ASN B 187 -17.48 -19.37 -16.02
N ALA B 188 -18.23 -19.70 -17.07
CA ALA B 188 -17.69 -20.43 -18.20
C ALA B 188 -18.05 -19.76 -19.51
N ILE B 189 -17.15 -19.94 -20.47
CA ILE B 189 -17.39 -19.53 -21.85
C ILE B 189 -17.53 -20.80 -22.66
N MET B 190 -18.51 -20.80 -23.57
CA MET B 190 -18.72 -21.90 -24.50
C MET B 190 -18.46 -21.36 -25.91
N PRO B 191 -17.22 -21.45 -26.37
CA PRO B 191 -16.95 -21.09 -27.78
C PRO B 191 -17.70 -21.99 -28.73
N GLY B 192 -18.21 -21.39 -29.80
CA GLY B 192 -18.60 -22.07 -31.01
C GLY B 192 -17.42 -22.38 -31.92
N ASN B 193 -17.58 -22.04 -33.20
CA ASN B 193 -16.53 -22.25 -34.21
C ASN B 193 -15.68 -21.00 -34.30
N ILE B 194 -14.45 -21.12 -33.83
CA ILE B 194 -13.53 -19.96 -33.73
C ILE B 194 -12.39 -20.22 -34.66
N MET B 195 -12.07 -19.22 -35.47
CA MET B 195 -10.97 -19.32 -36.41
C MET B 195 -9.65 -19.36 -35.65
N THR B 196 -8.85 -20.36 -35.93
CA THR B 196 -7.51 -20.46 -35.33
C THR B 196 -6.52 -20.80 -36.42
N GLU B 197 -5.23 -20.68 -36.10
CA GLU B 197 -4.19 -21.07 -37.09
C GLU B 197 -4.30 -22.54 -37.43
N GLY B 198 -4.50 -23.37 -36.43
CA GLY B 198 -4.78 -24.80 -36.66
C GLY B 198 -5.88 -25.05 -37.70
N LEU B 199 -7.00 -24.34 -37.59
CA LEU B 199 -8.15 -24.59 -38.48
C LEU B 199 -7.87 -24.15 -39.91
N LEU B 200 -7.08 -23.08 -40.06
CA LEU B 200 -6.73 -22.53 -41.38
C LEU B 200 -5.91 -23.51 -42.24
N GLU B 201 -5.25 -24.46 -41.58
CA GLU B 201 -4.48 -25.50 -42.30
C GLU B 201 -5.41 -26.35 -43.20
N ASN B 202 -6.69 -26.41 -42.83
CA ASN B 202 -7.69 -27.17 -43.58
C ASN B 202 -8.13 -26.49 -44.86
N GLY B 203 -7.76 -25.22 -45.05
CA GLY B 203 -8.08 -24.49 -46.27
C GLY B 203 -9.37 -23.67 -46.25
N GLU B 204 -9.43 -22.70 -47.17
CA GLU B 204 -10.51 -21.69 -47.20
C GLU B 204 -11.88 -22.27 -47.50
N GLU B 205 -11.97 -23.25 -48.41
CA GLU B 205 -13.28 -23.85 -48.77
C GLU B 205 -13.91 -24.53 -47.55
N TYR B 206 -13.09 -25.22 -46.76
CA TYR B 206 -13.56 -25.92 -45.59
C TYR B 206 -14.18 -24.93 -44.58
N ILE B 207 -13.50 -23.82 -44.36
CA ILE B 207 -13.97 -22.76 -43.44
C ILE B 207 -15.26 -22.12 -43.99
N ALA B 208 -15.30 -21.85 -45.29
CA ALA B 208 -16.49 -21.26 -45.88
C ALA B 208 -17.68 -22.17 -45.73
N SER B 209 -17.47 -23.48 -45.81
CA SER B 209 -18.57 -24.40 -45.66
C SER B 209 -19.12 -24.34 -44.22
N MET B 210 -18.21 -24.38 -43.26
CA MET B 210 -18.57 -24.25 -41.85
CA MET B 210 -18.57 -24.25 -41.85
C MET B 210 -19.35 -22.93 -41.60
N ALA B 211 -18.83 -21.83 -42.11
CA ALA B 211 -19.49 -20.52 -41.96
C ALA B 211 -20.95 -20.46 -42.46
N ARG B 212 -21.31 -21.24 -43.48
CA ARG B 212 -22.68 -21.21 -43.98
C ARG B 212 -23.69 -21.80 -43.00
N SER B 213 -23.24 -22.52 -41.97
CA SER B 213 -24.12 -23.02 -40.93
C SER B 213 -24.21 -22.12 -39.69
N ILE B 214 -23.60 -20.95 -39.76
CA ILE B 214 -23.61 -20.01 -38.63
C ILE B 214 -24.45 -18.77 -39.04
N PRO B 215 -25.44 -18.40 -38.21
CA PRO B 215 -26.21 -17.19 -38.58
C PRO B 215 -25.35 -15.95 -38.79
N ALA B 216 -24.31 -15.74 -37.95
CA ALA B 216 -23.37 -14.62 -38.16
C ALA B 216 -22.67 -14.65 -39.53
N GLY B 217 -22.56 -15.83 -40.14
CA GLY B 217 -21.98 -16.00 -41.47
C GLY B 217 -20.46 -16.03 -41.56
N ALA B 218 -19.83 -16.16 -40.41
CA ALA B 218 -18.38 -16.20 -40.27
C ALA B 218 -18.07 -16.92 -38.96
N LEU B 219 -16.87 -17.47 -38.89
CA LEU B 219 -16.39 -18.02 -37.63
C LEU B 219 -15.97 -16.86 -36.75
N GLY B 220 -15.95 -17.07 -35.44
CA GLY B 220 -15.45 -16.08 -34.53
C GLY B 220 -13.93 -16.04 -34.44
N THR B 221 -13.43 -15.22 -33.52
CA THR B 221 -12.00 -15.05 -33.38
C THR B 221 -11.61 -15.37 -31.95
N PRO B 222 -10.34 -15.69 -31.73
CA PRO B 222 -9.83 -15.85 -30.37
C PRO B 222 -10.09 -14.63 -29.48
N GLU B 223 -10.00 -13.44 -30.05
CA GLU B 223 -10.23 -12.22 -29.27
C GLU B 223 -11.70 -12.09 -28.84
N ASP B 224 -12.63 -12.68 -29.58
CA ASP B 224 -14.03 -12.72 -29.14
C ASP B 224 -14.12 -13.42 -27.76
N ILE B 225 -13.43 -14.55 -27.61
CA ILE B 225 -13.40 -15.27 -26.32
C ILE B 225 -12.68 -14.42 -25.27
N GLY B 226 -11.54 -13.86 -25.66
CA GLY B 226 -10.74 -13.05 -24.75
C GLY B 226 -11.52 -11.86 -24.23
N HIS B 227 -12.28 -11.19 -25.10
CA HIS B 227 -13.07 -10.03 -24.63
C HIS B 227 -14.10 -10.38 -23.62
N LEU B 228 -14.73 -11.54 -23.77
CA LEU B 228 -15.67 -11.99 -22.76
C LEU B 228 -14.98 -12.35 -21.45
N ALA B 229 -13.86 -13.05 -21.53
CA ALA B 229 -13.11 -13.36 -20.34
C ALA B 229 -12.67 -12.12 -19.59
N ALA B 230 -12.27 -11.08 -20.33
CA ALA B 230 -11.85 -9.80 -19.75
C ALA B 230 -13.00 -9.14 -19.02
N PHE B 231 -14.17 -9.14 -19.62
CA PHE B 231 -15.36 -8.60 -18.96
C PHE B 231 -15.70 -9.35 -17.68
N LEU B 232 -15.72 -10.68 -17.73
CA LEU B 232 -16.05 -11.45 -16.53
C LEU B 232 -15.04 -11.18 -15.41
N ALA B 233 -13.81 -10.91 -15.78
CA ALA B 233 -12.71 -10.63 -14.81
C ALA B 233 -12.79 -9.25 -14.16
N THR B 234 -13.63 -8.35 -14.68
CA THR B 234 -13.71 -6.99 -14.14
C THR B 234 -14.44 -6.96 -12.81
N LYS B 235 -14.19 -5.90 -12.05
CA LYS B 235 -14.98 -5.66 -10.84
C LYS B 235 -16.45 -5.53 -11.13
N GLU B 236 -16.80 -4.98 -12.30
CA GLU B 236 -18.16 -4.73 -12.64
C GLU B 236 -18.96 -6.00 -12.90
N ALA B 237 -18.30 -7.16 -13.07
CA ALA B 237 -18.99 -8.42 -13.28
C ALA B 237 -19.09 -9.25 -12.02
N GLY B 238 -18.93 -8.62 -10.85
CA GLY B 238 -18.91 -9.38 -9.61
C GLY B 238 -20.19 -10.07 -9.17
N TYR B 239 -21.35 -9.72 -9.72
CA TYR B 239 -22.60 -10.37 -9.35
C TYR B 239 -22.99 -11.42 -10.35
N ILE B 240 -22.10 -11.71 -11.31
CA ILE B 240 -22.32 -12.73 -12.28
C ILE B 240 -21.49 -13.94 -11.84
N THR B 241 -22.16 -15.06 -11.56
CA THR B 241 -21.49 -16.26 -11.17
C THR B 241 -22.31 -17.48 -11.50
N GLY B 242 -21.61 -18.58 -11.73
CA GLY B 242 -22.26 -19.78 -12.24
C GLY B 242 -22.89 -19.73 -13.62
N GLN B 243 -22.44 -18.82 -14.47
CA GLN B 243 -23.03 -18.64 -15.81
C GLN B 243 -22.16 -19.23 -16.88
N ALA B 244 -22.76 -19.98 -17.80
CA ALA B 244 -22.08 -20.46 -19.01
C ALA B 244 -22.61 -19.67 -20.18
N ILE B 245 -21.72 -19.03 -20.93
CA ILE B 245 -22.14 -18.07 -21.97
C ILE B 245 -21.52 -18.51 -23.27
N ALA B 246 -22.36 -18.75 -24.29
CA ALA B 246 -21.85 -19.16 -25.62
C ALA B 246 -21.41 -17.98 -26.41
N VAL B 247 -20.30 -18.14 -27.12
CA VAL B 247 -19.75 -17.12 -28.03
C VAL B 247 -19.68 -17.87 -29.34
N ASP B 248 -20.79 -17.84 -30.09
CA ASP B 248 -20.96 -18.77 -31.22
C ASP B 248 -21.68 -18.22 -32.43
N GLY B 249 -21.88 -16.91 -32.48
CA GLY B 249 -22.50 -16.32 -33.70
C GLY B 249 -23.91 -16.85 -34.00
N GLY B 250 -24.56 -17.43 -33.01
CA GLY B 250 -25.87 -18.03 -33.13
C GLY B 250 -25.89 -19.49 -33.62
N GLN B 251 -24.72 -20.13 -33.64
CA GLN B 251 -24.63 -21.48 -34.18
C GLN B 251 -25.67 -22.47 -33.63
N VAL B 252 -25.94 -22.40 -32.32
CA VAL B 252 -26.78 -23.42 -31.71
C VAL B 252 -28.27 -23.15 -31.92
N LEU B 253 -28.64 -21.98 -32.45
CA LEU B 253 -30.07 -21.57 -32.49
C LEU B 253 -30.94 -22.21 -33.56
N PRO B 254 -30.45 -22.31 -34.81
CA PRO B 254 -31.31 -22.83 -35.82
C PRO B 254 -31.67 -24.29 -35.64
N GLU B 255 -32.92 -24.56 -35.95
CA GLU B 255 -33.55 -25.84 -35.88
CA GLU B 255 -33.46 -25.89 -35.87
C GLU B 255 -32.82 -26.75 -36.91
N SER B 256 -32.49 -26.16 -38.07
CA SER B 256 -31.73 -26.87 -39.12
C SER B 256 -31.13 -25.82 -40.02
N LEU B 257 -30.34 -26.26 -40.99
CA LEU B 257 -29.88 -25.36 -42.06
C LEU B 257 -30.96 -24.52 -42.70
N ASP B 258 -32.16 -25.08 -42.83
CA ASP B 258 -33.25 -24.37 -43.46
C ASP B 258 -33.68 -23.14 -42.66
N ALA B 259 -33.37 -23.12 -41.37
CA ALA B 259 -33.78 -22.02 -40.51
C ALA B 259 -32.78 -20.87 -40.48
N ILE B 260 -31.74 -20.90 -41.31
CA ILE B 260 -30.76 -19.82 -41.33
C ILE B 260 -31.21 -18.76 -42.30
N ALA B 261 -31.25 -17.52 -41.86
CA ALA B 261 -31.58 -16.40 -42.72
C ALA B 261 -30.26 -15.81 -43.21
N THR B 262 -30.27 -15.37 -44.47
CA THR B 262 -29.12 -14.69 -45.05
C THR B 262 -29.61 -13.38 -45.71
N GLY C 1 6.47 -0.41 22.47
CA GLY C 1 5.43 -1.00 23.39
C GLY C 1 6.03 -1.21 24.80
N PRO C 2 5.17 -1.36 25.81
CA PRO C 2 5.66 -1.66 27.14
C PRO C 2 6.57 -2.90 27.13
N GLY C 3 7.61 -2.88 27.98
CA GLY C 3 8.60 -3.95 28.05
C GLY C 3 9.66 -3.93 26.97
N SER C 4 9.52 -3.00 26.00
CA SER C 4 10.52 -2.76 24.98
C SER C 4 11.32 -1.57 25.40
N MET C 5 12.57 -1.54 24.95
CA MET C 5 13.41 -0.37 25.09
C MET C 5 12.84 0.71 24.21
N PHE C 6 12.91 1.95 24.64
CA PHE C 6 12.42 3.09 23.84
C PHE C 6 10.92 3.09 23.50
N ASP C 7 10.10 2.66 24.46
CA ASP C 7 8.66 2.64 24.31
C ASP C 7 8.11 4.03 24.14
N LEU C 8 7.32 4.22 23.09
CA LEU C 8 6.54 5.46 22.88
C LEU C 8 5.05 5.19 22.74
N GLN C 9 4.62 3.95 22.97
CA GLN C 9 3.23 3.64 22.76
C GLN C 9 2.33 4.44 23.71
N GLY C 10 1.32 5.11 23.13
CA GLY C 10 0.39 5.95 23.91
C GLY C 10 0.94 7.29 24.37
N ARG C 11 2.18 7.59 24.06
CA ARG C 11 2.72 8.91 24.28
C ARG C 11 2.01 9.87 23.36
N SER C 12 1.80 11.11 23.80
CA SER C 12 1.01 12.07 23.02
C SER C 12 1.88 13.20 22.46
N VAL C 13 1.88 13.34 21.14
CA VAL C 13 2.83 14.17 20.41
C VAL C 13 2.14 15.22 19.54
N VAL C 14 2.63 16.44 19.57
CA VAL C 14 2.18 17.49 18.69
C VAL C 14 3.37 17.80 17.76
N VAL C 15 3.15 17.78 16.46
CA VAL C 15 4.19 18.10 15.47
C VAL C 15 3.74 19.28 14.61
N THR C 16 4.38 20.43 14.78
CA THR C 16 4.10 21.57 13.93
C THR C 16 4.84 21.39 12.56
N GLY C 17 4.23 21.89 11.49
CA GLY C 17 4.74 21.70 10.16
C GLY C 17 4.86 20.22 9.88
N GLY C 18 3.87 19.44 10.29
CA GLY C 18 3.96 18.00 10.31
C GLY C 18 3.40 17.29 9.07
N THR C 19 3.05 18.04 8.03
CA THR C 19 2.37 17.44 6.86
C THR C 19 3.28 17.10 5.69
N LYS C 20 4.50 17.65 5.66
CA LYS C 20 5.42 17.44 4.57
C LYS C 20 6.83 17.34 5.08
N GLY C 21 7.70 16.83 4.23
CA GLY C 21 9.13 16.91 4.46
C GLY C 21 9.57 16.32 5.79
N ILE C 22 10.45 17.04 6.48
CA ILE C 22 11.01 16.57 7.75
C ILE C 22 9.91 16.35 8.83
N GLY C 23 9.01 17.31 8.94
CA GLY C 23 7.85 17.18 9.85
C GLY C 23 7.04 15.91 9.66
N ARG C 24 6.74 15.57 8.42
CA ARG C 24 6.00 14.34 8.12
CA ARG C 24 6.00 14.34 8.12
C ARG C 24 6.84 13.14 8.54
N GLY C 25 8.14 13.21 8.30
CA GLY C 25 9.09 12.18 8.77
C GLY C 25 9.04 11.99 10.28
N ILE C 26 8.98 13.09 11.03
CA ILE C 26 8.88 13.00 12.50
C ILE C 26 7.53 12.37 12.86
N ALA C 27 6.44 12.88 12.29
CA ALA C 27 5.09 12.39 12.58
C ALA C 27 4.94 10.88 12.29
N THR C 28 5.55 10.45 11.18
CA THR C 28 5.51 9.06 10.72
C THR C 28 6.19 8.12 11.71
N VAL C 29 7.37 8.50 12.19
CA VAL C 29 8.08 7.69 13.14
C VAL C 29 7.26 7.57 14.40
N PHE C 30 6.71 8.68 14.88
CA PHE C 30 5.90 8.61 16.08
C PHE C 30 4.65 7.73 15.90
N ALA C 31 4.03 7.82 14.74
CA ALA C 31 2.85 7.06 14.45
C ALA C 31 3.18 5.54 14.46
N ARG C 32 4.30 5.18 13.85
CA ARG C 32 4.75 3.78 13.77
CA ARG C 32 4.74 3.78 13.78
C ARG C 32 5.04 3.23 15.17
N ALA C 33 5.46 4.12 16.08
CA ALA C 33 5.84 3.75 17.43
C ALA C 33 4.64 3.62 18.37
N GLY C 34 3.44 3.83 17.86
CA GLY C 34 2.24 3.74 18.67
C GLY C 34 1.84 5.02 19.41
N ALA C 35 2.47 6.13 19.08
CA ALA C 35 2.15 7.40 19.71
C ALA C 35 0.84 7.98 19.15
N ASN C 36 0.18 8.77 19.99
CA ASN C 36 -0.91 9.66 19.54
C ASN C 36 -0.20 10.84 18.89
N VAL C 37 -0.63 11.25 17.70
CA VAL C 37 0.02 12.34 16.97
C VAL C 37 -0.97 13.39 16.46
N ALA C 38 -0.76 14.64 16.85
CA ALA C 38 -1.47 15.77 16.28
C ALA C 38 -0.53 16.46 15.32
N VAL C 39 -0.87 16.44 14.01
CA VAL C 39 -0.10 17.13 13.00
C VAL C 39 -0.75 18.46 12.69
N ALA C 40 0.08 19.48 12.67
CA ALA C 40 -0.37 20.79 12.31
C ALA C 40 0.25 21.22 10.99
N GLY C 41 -0.52 21.98 10.23
CA GLY C 41 -0.01 22.55 9.01
C GLY C 41 -0.95 23.64 8.50
N ARG C 42 -0.61 24.22 7.34
CA ARG C 42 -1.38 25.35 6.82
C ARG C 42 -2.44 24.93 5.80
N SER C 43 -2.25 23.79 5.13
CA SER C 43 -3.13 23.38 4.04
C SER C 43 -4.00 22.18 4.43
N THR C 44 -5.32 22.37 4.44
CA THR C 44 -6.24 21.36 4.94
C THR C 44 -6.18 20.10 4.09
N ALA C 45 -5.91 20.28 2.81
CA ALA C 45 -5.76 19.16 1.89
C ALA C 45 -4.54 18.30 2.25
N ASP C 46 -3.40 18.94 2.50
CA ASP C 46 -2.20 18.24 2.96
C ASP C 46 -2.41 17.59 4.34
N ILE C 47 -3.12 18.28 5.25
CA ILE C 47 -3.34 17.77 6.60
C ILE C 47 -4.15 16.48 6.54
N ASP C 48 -5.28 16.54 5.86
CA ASP C 48 -6.16 15.38 5.77
C ASP C 48 -5.50 14.15 5.12
N ALA C 49 -4.68 14.38 4.10
CA ALA C 49 -3.99 13.29 3.40
C ALA C 49 -2.96 12.64 4.34
N CYS C 50 -2.19 13.48 5.02
CA CYS C 50 -1.20 13.01 6.01
C CYS C 50 -1.89 12.22 7.16
N VAL C 51 -2.97 12.77 7.71
CA VAL C 51 -3.68 12.10 8.82
C VAL C 51 -4.19 10.71 8.40
N ALA C 52 -4.80 10.64 7.22
CA ALA C 52 -5.30 9.38 6.67
C ALA C 52 -4.18 8.34 6.63
N ASP C 53 -2.98 8.72 6.19
CA ASP C 53 -1.86 7.77 6.05
C ASP C 53 -1.31 7.33 7.42
N LEU C 54 -1.10 8.31 8.29
CA LEU C 54 -0.45 8.08 9.56
C LEU C 54 -1.30 7.28 10.54
N ASP C 55 -2.62 7.48 10.49
CA ASP C 55 -3.53 6.79 11.39
C ASP C 55 -3.43 5.28 11.18
N GLN C 56 -3.03 4.86 10.00
CA GLN C 56 -2.91 3.43 9.65
C GLN C 56 -1.62 2.79 10.15
N LEU C 57 -0.66 3.61 10.57
CA LEU C 57 0.67 3.08 10.88
C LEU C 57 0.79 2.46 12.27
N GLY C 58 -0.13 2.74 13.17
CA GLY C 58 -0.05 2.22 14.53
C GLY C 58 -1.33 2.42 15.31
N SER C 59 -1.28 2.04 16.59
CA SER C 59 -2.47 1.97 17.45
C SER C 59 -2.86 3.30 18.07
N GLY C 60 -2.06 4.36 17.87
CA GLY C 60 -2.36 5.66 18.47
C GLY C 60 -3.40 6.40 17.66
N LYS C 61 -3.95 7.47 18.23
CA LYS C 61 -4.92 8.30 17.50
C LYS C 61 -4.13 9.38 16.77
N VAL C 62 -4.49 9.67 15.53
CA VAL C 62 -3.85 10.75 14.80
C VAL C 62 -4.90 11.79 14.42
N ILE C 63 -4.60 13.07 14.64
CA ILE C 63 -5.51 14.15 14.25
C ILE C 63 -4.72 15.20 13.47
N GLY C 64 -5.46 16.02 12.73
CA GLY C 64 -4.89 17.14 11.97
C GLY C 64 -5.54 18.44 12.35
N VAL C 65 -4.70 19.47 12.53
CA VAL C 65 -5.17 20.80 12.91
C VAL C 65 -4.53 21.89 12.05
N GLN C 66 -5.35 22.67 11.34
CA GLN C 66 -4.85 23.76 10.57
C GLN C 66 -4.38 24.83 11.58
N THR C 67 -3.10 25.20 11.48
CA THR C 67 -2.47 26.09 12.45
C THR C 67 -1.42 26.97 11.75
N ASP C 68 -1.54 28.27 11.91
CA ASP C 68 -0.46 29.20 11.61
C ASP C 68 0.35 29.41 12.89
N VAL C 69 1.52 28.77 13.00
CA VAL C 69 2.26 28.80 14.25
C VAL C 69 2.75 30.21 14.64
N SER C 70 2.75 31.16 13.70
CA SER C 70 3.16 32.51 14.00
C SER C 70 2.11 33.26 14.83
N ASP C 71 0.94 32.66 15.04
CA ASP C 71 -0.14 33.27 15.84
C ASP C 71 -0.28 32.49 17.12
N ARG C 72 0.08 33.11 18.24
CA ARG C 72 0.02 32.45 19.54
C ARG C 72 -1.33 31.80 19.81
N ALA C 73 -2.41 32.51 19.46
CA ALA C 73 -3.77 32.01 19.73
C ALA C 73 -4.07 30.71 18.96
N GLN C 74 -3.54 30.60 17.74
CA GLN C 74 -3.72 29.34 16.99
C GLN C 74 -2.91 28.18 17.56
N CYS C 75 -1.75 28.52 18.15
CA CYS C 75 -0.93 27.51 18.86
C CYS C 75 -1.72 27.03 20.08
N ASP C 76 -2.31 27.97 20.83
CA ASP C 76 -3.17 27.58 21.95
C ASP C 76 -4.31 26.66 21.51
N ALA C 77 -4.91 26.95 20.35
CA ALA C 77 -6.03 26.14 19.82
C ALA C 77 -5.55 24.72 19.48
N LEU C 78 -4.35 24.63 18.91
CA LEU C 78 -3.73 23.37 18.59
C LEU C 78 -3.47 22.51 19.84
N ALA C 79 -2.86 23.11 20.85
CA ALA C 79 -2.64 22.41 22.13
C ALA C 79 -3.98 21.95 22.70
N GLY C 80 -4.97 22.82 22.66
CA GLY C 80 -6.31 22.49 23.20
C GLY C 80 -6.94 21.28 22.52
N ARG C 81 -6.79 21.19 21.20
CA ARG C 81 -7.34 20.07 20.44
C ARG C 81 -6.64 18.79 20.85
N ALA C 82 -5.32 18.87 21.06
CA ALA C 82 -4.55 17.65 21.39
C ALA C 82 -4.92 17.18 22.77
N VAL C 83 -5.08 18.13 23.70
CA VAL C 83 -5.50 17.76 25.05
C VAL C 83 -6.91 17.13 25.00
N GLU C 84 -7.85 17.74 24.27
CA GLU C 84 -9.24 17.22 24.17
C GLU C 84 -9.27 15.79 23.58
N GLU C 85 -8.46 15.53 22.55
CA GLU C 85 -8.50 14.21 21.89
C GLU C 85 -7.66 13.16 22.59
N PHE C 86 -6.53 13.54 23.18
CA PHE C 86 -5.59 12.56 23.70
C PHE C 86 -5.56 12.49 25.22
N GLY C 87 -6.06 13.51 25.89
CA GLY C 87 -6.01 13.57 27.34
C GLY C 87 -4.78 14.31 27.84
N GLY C 88 -3.87 14.72 26.94
CA GLY C 88 -2.62 15.32 27.39
C GLY C 88 -1.65 15.48 26.25
N ILE C 89 -0.51 16.07 26.56
CA ILE C 89 0.59 16.23 25.60
C ILE C 89 1.88 15.92 26.33
N ASP C 90 2.66 14.95 25.82
CA ASP C 90 3.95 14.57 26.41
C ASP C 90 5.13 15.12 25.62
N VAL C 91 4.90 15.41 24.33
CA VAL C 91 6.00 15.79 23.44
C VAL C 91 5.50 16.86 22.49
N VAL C 92 6.25 17.96 22.41
CA VAL C 92 6.05 18.93 21.32
C VAL C 92 7.29 19.00 20.41
N CYS C 93 7.07 18.71 19.13
CA CYS C 93 8.08 18.78 18.08
C CYS C 93 7.80 20.09 17.38
N ALA C 94 8.53 21.12 17.82
CA ALA C 94 8.47 22.46 17.25
C ALA C 94 9.31 22.46 15.99
N ASN C 95 8.69 22.01 14.92
CA ASN C 95 9.36 21.72 13.67
C ASN C 95 9.07 22.73 12.56
N ALA C 96 7.93 23.43 12.62
CA ALA C 96 7.52 24.34 11.56
C ALA C 96 8.67 25.32 11.27
N GLY C 97 8.93 25.53 10.00
CA GLY C 97 9.95 26.47 9.60
C GLY C 97 9.89 26.64 8.09
N VAL C 98 10.25 27.83 7.65
CA VAL C 98 10.40 28.11 6.22
C VAL C 98 11.83 28.57 5.91
N PHE C 99 12.23 28.50 4.62
CA PHE C 99 13.61 28.84 4.26
C PHE C 99 13.72 29.58 2.92
N PRO C 100 12.94 30.67 2.77
CA PRO C 100 13.08 31.56 1.60
C PRO C 100 14.46 32.19 1.65
N ASP C 101 14.99 32.55 0.47
CA ASP C 101 16.28 33.17 0.40
C ASP C 101 16.16 34.69 0.26
N ALA C 102 17.15 35.38 0.77
CA ALA C 102 17.26 36.82 0.60
C ALA C 102 18.72 37.26 0.81
N PRO C 103 19.37 37.78 -0.26
CA PRO C 103 20.73 38.31 -0.06
C PRO C 103 20.68 39.41 0.98
N LEU C 104 21.75 39.50 1.77
CA LEU C 104 21.78 40.53 2.80
C LEU C 104 21.63 41.90 2.25
N ALA C 105 22.20 42.13 1.07
CA ALA C 105 22.20 43.44 0.49
C ALA C 105 20.83 43.94 0.06
N THR C 106 19.89 43.02 -0.12
CA THR C 106 18.55 43.39 -0.59
C THR C 106 17.42 43.01 0.36
N MET C 107 17.72 42.19 1.36
CA MET C 107 16.73 41.68 2.28
C MET C 107 15.89 42.82 2.85
N THR C 108 14.57 42.69 2.75
CA THR C 108 13.66 43.75 3.21
C THR C 108 13.20 43.48 4.68
N PRO C 109 12.66 44.50 5.34
CA PRO C 109 12.12 44.30 6.66
C PRO C 109 11.03 43.22 6.64
N GLU C 110 10.25 43.20 5.57
CA GLU C 110 9.17 42.20 5.42
CA GLU C 110 9.18 42.22 5.39
C GLU C 110 9.74 40.78 5.36
N GLN C 111 10.82 40.59 4.61
CA GLN C 111 11.47 39.27 4.54
C GLN C 111 12.03 38.86 5.92
N LEU C 112 12.69 39.80 6.59
CA LEU C 112 13.34 39.51 7.87
C LEU C 112 12.27 39.16 8.92
N ASN C 113 11.28 40.03 9.07
CA ASN C 113 10.25 39.79 10.05
C ASN C 113 9.42 38.54 9.76
N GLY C 114 9.14 38.28 8.47
CA GLY C 114 8.37 37.13 8.10
C GLY C 114 8.99 35.80 8.47
N ILE C 115 10.29 35.62 8.22
CA ILE C 115 10.91 34.38 8.55
C ILE C 115 11.05 34.17 10.07
N PHE C 116 11.28 35.25 10.81
CA PHE C 116 11.28 35.19 12.26
C PHE C 116 9.93 34.85 12.85
N ALA C 117 8.85 35.36 12.26
CA ALA C 117 7.49 35.10 12.74
C ALA C 117 7.16 33.62 12.73
N VAL C 118 7.53 32.92 11.67
CA VAL C 118 7.29 31.51 11.59
C VAL C 118 8.30 30.73 12.41
N ASN C 119 9.57 30.96 12.13
CA ASN C 119 10.64 30.08 12.59
C ASN C 119 10.98 30.22 14.05
N VAL C 120 10.90 31.43 14.55
CA VAL C 120 11.19 31.71 15.96
C VAL C 120 9.92 31.87 16.79
N ASN C 121 9.05 32.83 16.49
CA ASN C 121 7.83 32.98 17.24
C ASN C 121 7.01 31.70 17.24
N GLY C 122 6.94 31.00 16.11
CA GLY C 122 6.24 29.71 16.07
C GLY C 122 6.82 28.66 16.99
N THR C 123 8.14 28.69 17.20
CA THR C 123 8.80 27.79 18.15
C THR C 123 8.42 28.15 19.58
N PHE C 124 8.57 29.43 19.92
CA PHE C 124 8.17 29.89 21.27
C PHE C 124 6.72 29.57 21.55
N TYR C 125 5.84 29.94 20.63
CA TYR C 125 4.39 29.80 20.85
C TYR C 125 3.94 28.35 20.97
N ALA C 126 4.53 27.47 20.17
CA ALA C 126 4.19 26.05 20.22
C ALA C 126 4.52 25.49 21.58
N VAL C 127 5.70 25.84 22.11
CA VAL C 127 6.12 25.38 23.43
C VAL C 127 5.23 25.98 24.55
N GLN C 128 5.01 27.28 24.51
CA GLN C 128 4.15 27.92 25.51
C GLN C 128 2.74 27.36 25.50
N ALA C 129 2.18 27.20 24.31
CA ALA C 129 0.83 26.61 24.18
C ALA C 129 0.71 25.24 24.82
N CYS C 130 1.75 24.42 24.69
CA CYS C 130 1.74 23.05 25.20
C CYS C 130 2.27 22.91 26.63
N LEU C 131 2.72 24.01 27.23
CA LEU C 131 3.49 23.96 28.48
C LEU C 131 2.66 23.40 29.62
N ASP C 132 1.43 23.88 29.79
CA ASP C 132 0.61 23.33 30.87
C ASP C 132 0.49 21.80 30.77
N ALA C 133 0.24 21.30 29.56
CA ALA C 133 0.08 19.87 29.34
C ALA C 133 1.43 19.15 29.59
N LEU C 134 2.51 19.71 29.09
CA LEU C 134 3.83 19.15 29.32
C LEU C 134 4.18 19.04 30.79
N ILE C 135 3.78 20.04 31.57
CA ILE C 135 3.92 19.99 33.03
C ILE C 135 3.13 18.82 33.59
N ALA C 136 1.88 18.68 33.15
CA ALA C 136 0.98 17.65 33.66
C ALA C 136 1.46 16.25 33.29
N SER C 137 2.12 16.13 32.14
CA SER C 137 2.74 14.87 31.67
C SER C 137 3.59 14.20 32.73
N GLY C 138 4.46 14.97 33.39
CA GLY C 138 5.51 14.41 34.25
C GLY C 138 6.77 13.87 33.59
N SER C 139 6.74 13.67 32.27
CA SER C 139 7.92 13.28 31.48
C SER C 139 7.91 14.01 30.13
N GLY C 140 7.69 15.31 30.21
CA GLY C 140 7.55 16.14 29.04
C GLY C 140 8.83 16.31 28.24
N ARG C 141 8.62 16.56 26.96
CA ARG C 141 9.69 16.63 25.98
C ARG C 141 9.41 17.72 24.94
N VAL C 142 10.40 18.57 24.69
CA VAL C 142 10.37 19.58 23.65
C VAL C 142 11.54 19.25 22.73
N VAL C 143 11.22 19.10 21.45
CA VAL C 143 12.20 18.78 20.41
C VAL C 143 12.05 19.86 19.34
N LEU C 144 13.11 20.63 19.16
CA LEU C 144 13.11 21.73 18.20
C LEU C 144 13.77 21.26 16.93
N THR C 145 13.19 21.58 15.76
CA THR C 145 13.91 21.41 14.51
C THR C 145 14.64 22.68 14.13
N SER C 146 15.96 22.64 14.32
CA SER C 146 16.83 23.73 14.00
C SER C 146 17.46 23.38 12.61
N SER C 147 18.75 23.61 12.40
CA SER C 147 19.47 23.30 11.13
C SER C 147 20.96 23.43 11.42
N ILE C 148 21.81 22.78 10.63
CA ILE C 148 23.23 23.08 10.69
C ILE C 148 23.49 24.56 10.28
N THR C 149 22.60 25.12 9.46
CA THR C 149 22.73 26.49 8.92
C THR C 149 22.28 27.48 9.98
N GLY C 150 23.24 28.22 10.52
CA GLY C 150 23.05 29.21 11.59
C GLY C 150 23.93 28.82 12.76
N PRO C 151 23.60 27.72 13.44
CA PRO C 151 24.41 27.26 14.62
C PRO C 151 25.84 26.87 14.23
N ILE C 152 26.02 26.32 13.04
CA ILE C 152 27.32 25.82 12.66
C ILE C 152 27.86 26.43 11.34
N THR C 153 27.04 26.40 10.29
CA THR C 153 27.47 26.85 8.98
C THR C 153 26.80 28.14 8.56
N GLY C 154 27.29 28.68 7.46
CA GLY C 154 26.71 29.83 6.80
C GLY C 154 26.43 29.49 5.36
N TYR C 155 25.48 30.22 4.75
CA TYR C 155 25.15 29.98 3.36
C TYR C 155 24.54 31.23 2.80
N PRO C 156 25.28 31.93 1.96
CA PRO C 156 24.82 33.19 1.36
C PRO C 156 23.41 33.09 0.82
N GLY C 157 22.59 34.07 1.16
CA GLY C 157 21.17 34.02 0.90
C GLY C 157 20.30 33.60 2.06
N TRP C 158 20.92 33.01 3.09
CA TRP C 158 20.20 32.49 4.24
C TRP C 158 20.68 33.05 5.59
N SER C 159 21.10 34.32 5.61
CA SER C 159 21.58 34.90 6.85
C SER C 159 20.42 35.05 7.85
N HIS C 160 19.23 35.38 7.34
CA HIS C 160 18.04 35.44 8.18
C HIS C 160 17.62 34.05 8.69
N TYR C 161 17.58 33.09 7.78
CA TYR C 161 17.28 31.74 8.13
C TYR C 161 18.24 31.19 9.18
N GLY C 162 19.53 31.36 8.98
CA GLY C 162 20.50 30.89 9.96
C GLY C 162 20.33 31.60 11.30
N ALA C 163 20.00 32.89 11.26
CA ALA C 163 19.74 33.61 12.49
C ALA C 163 18.57 32.97 13.22
N THR C 164 17.53 32.55 12.48
CA THR C 164 16.39 31.92 13.16
C THR C 164 16.73 30.58 13.77
N LYS C 165 17.57 29.84 13.08
CA LYS C 165 17.91 28.48 13.52
C LYS C 165 18.82 28.51 14.74
N ALA C 166 19.72 29.47 14.81
CA ALA C 166 20.54 29.73 16.02
C ALA C 166 19.69 30.25 17.16
N ALA C 167 18.72 31.12 16.83
CA ALA C 167 17.78 31.65 17.86
C ALA C 167 17.09 30.54 18.61
N GLN C 168 16.69 29.51 17.90
CA GLN C 168 16.04 28.36 18.50
C GLN C 168 16.94 27.73 19.54
N LEU C 169 18.26 27.66 19.30
CA LEU C 169 19.19 27.07 20.26
C LEU C 169 19.44 27.97 21.46
N GLY C 170 19.46 29.29 21.26
CA GLY C 170 19.55 30.21 22.39
C GLY C 170 18.34 30.08 23.29
N PHE C 171 17.14 30.01 22.70
CA PHE C 171 15.93 29.69 23.45
C PHE C 171 16.11 28.37 24.24
N MET C 172 16.53 27.32 23.55
CA MET C 172 16.76 26.00 24.16
C MET C 172 17.62 26.05 25.42
N ARG C 173 18.71 26.80 25.36
CA ARG C 173 19.69 26.77 26.46
C ARG C 173 19.13 27.34 27.73
N THR C 174 18.23 28.31 27.61
CA THR C 174 17.51 28.81 28.76
C THR C 174 16.29 27.93 29.07
N ALA C 175 15.49 27.55 28.07
CA ALA C 175 14.29 26.75 28.36
C ALA C 175 14.57 25.44 29.08
N ALA C 176 15.71 24.80 28.75
CA ALA C 176 16.12 23.57 29.41
C ALA C 176 16.31 23.74 30.91
N ILE C 177 16.86 24.89 31.31
CA ILE C 177 17.02 25.19 32.73
C ILE C 177 15.68 25.54 33.34
N GLU C 178 14.94 26.42 32.68
CA GLU C 178 13.68 26.95 33.19
C GLU C 178 12.64 25.86 33.38
N LEU C 179 12.64 24.86 32.49
CA LEU C 179 11.63 23.79 32.54
C LEU C 179 12.09 22.52 33.27
N ALA C 180 13.35 22.49 33.69
CA ALA C 180 13.88 21.31 34.38
C ALA C 180 13.12 21.00 35.70
N PRO C 181 12.65 22.02 36.44
CA PRO C 181 11.91 21.61 37.66
C PRO C 181 10.63 20.85 37.34
N HIS C 182 10.12 21.00 36.11
CA HIS C 182 8.90 20.30 35.72
C HIS C 182 9.16 18.94 35.03
N LYS C 183 10.43 18.50 35.05
CA LYS C 183 10.86 17.29 34.38
C LYS C 183 10.63 17.32 32.85
N ILE C 184 10.74 18.50 32.25
CA ILE C 184 10.64 18.65 30.80
C ILE C 184 12.07 18.84 30.28
N THR C 185 12.47 17.99 29.35
CA THR C 185 13.71 18.19 28.61
C THR C 185 13.47 19.00 27.33
N VAL C 186 14.49 19.75 26.93
CA VAL C 186 14.41 20.64 25.78
C VAL C 186 15.69 20.45 24.96
N ASN C 187 15.54 19.82 23.80
CA ASN C 187 16.65 19.47 22.91
C ASN C 187 16.35 19.93 21.48
N ALA C 188 17.37 19.90 20.62
CA ALA C 188 17.21 20.29 19.25
C ALA C 188 17.91 19.33 18.31
N ILE C 189 17.36 19.27 17.10
CA ILE C 189 17.97 18.49 16.01
C ILE C 189 18.39 19.50 14.96
N MET C 190 19.61 19.34 14.44
CA MET C 190 20.09 20.16 13.36
C MET C 190 20.23 19.29 12.12
N PRO C 191 19.20 19.25 11.27
CA PRO C 191 19.32 18.48 10.04
C PRO C 191 20.35 19.11 9.11
N GLY C 192 21.04 18.26 8.35
CA GLY C 192 21.86 18.72 7.26
C GLY C 192 20.98 18.67 6.04
N ASN C 193 21.46 18.00 5.03
CA ASN C 193 20.77 17.92 3.75
C ASN C 193 19.94 16.66 3.72
N ILE C 194 18.62 16.83 3.74
CA ILE C 194 17.67 15.75 3.84
C ILE C 194 16.86 15.73 2.55
N MET C 195 16.76 14.54 1.95
CA MET C 195 15.98 14.32 0.75
C MET C 195 14.50 14.53 1.07
N THR C 196 13.84 15.45 0.38
CA THR C 196 12.38 15.64 0.52
C THR C 196 11.75 15.63 -0.88
N GLU C 197 10.43 15.49 -0.90
CA GLU C 197 9.68 15.56 -2.17
C GLU C 197 9.96 16.85 -2.90
N GLY C 198 10.00 17.97 -2.18
CA GLY C 198 10.32 19.28 -2.78
C GLY C 198 11.65 19.28 -3.52
N LEU C 199 12.69 18.81 -2.84
CA LEU C 199 14.05 18.77 -3.39
C LEU C 199 14.18 17.89 -4.65
N LEU C 200 13.38 16.83 -4.73
CA LEU C 200 13.38 15.90 -5.88
C LEU C 200 12.88 16.55 -7.20
N GLU C 201 12.10 17.63 -7.06
CA GLU C 201 11.67 18.45 -8.22
C GLU C 201 12.87 19.01 -9.01
N ASN C 202 14.01 19.18 -8.34
CA ASN C 202 15.25 19.69 -8.95
C ASN C 202 16.00 18.65 -9.76
N GLY C 203 15.61 17.39 -9.61
CA GLY C 203 16.19 16.31 -10.39
C GLY C 203 17.41 15.62 -9.80
N GLU C 204 17.70 14.44 -10.36
CA GLU C 204 18.71 13.53 -9.84
C GLU C 204 20.14 14.12 -9.88
N GLU C 205 20.45 14.92 -10.91
CA GLU C 205 21.83 15.44 -11.10
C GLU C 205 22.17 16.44 -9.97
N TYR C 206 21.21 17.31 -9.66
CA TYR C 206 21.39 18.31 -8.62
C TYR C 206 21.66 17.64 -7.26
N ILE C 207 20.89 16.62 -6.96
CA ILE C 207 21.03 15.91 -5.69
C ILE C 207 22.40 15.18 -5.65
N ALA C 208 22.76 14.51 -6.73
CA ALA C 208 24.05 13.80 -6.74
C ALA C 208 25.22 14.76 -6.50
N SER C 209 25.12 15.96 -7.05
CA SER C 209 26.19 16.94 -6.84
C SER C 209 26.28 17.34 -5.34
N MET C 210 25.13 17.55 -4.71
CA MET C 210 25.10 17.87 -3.29
CA MET C 210 25.08 17.88 -3.29
C MET C 210 25.69 16.72 -2.46
N ALA C 211 25.35 15.50 -2.85
CA ALA C 211 25.82 14.31 -2.14
C ALA C 211 27.34 14.19 -2.13
N ARG C 212 28.02 14.68 -3.17
CA ARG C 212 29.47 14.59 -3.25
C ARG C 212 30.21 15.43 -2.18
N SER C 213 29.54 16.42 -1.59
CA SER C 213 30.09 17.20 -0.47
C SER C 213 29.79 16.59 0.92
N ILE C 214 29.18 15.41 0.95
CA ILE C 214 28.79 14.79 2.20
C ILE C 214 29.61 13.53 2.42
N PRO C 215 30.32 13.41 3.57
CA PRO C 215 31.08 12.13 3.82
C PRO C 215 30.24 10.85 3.65
N ALA C 216 28.99 10.88 4.13
CA ALA C 216 28.10 9.73 3.98
C ALA C 216 27.87 9.37 2.51
N GLY C 217 28.01 10.34 1.60
CA GLY C 217 27.88 10.09 0.17
C GLY C 217 26.44 10.11 -0.36
N ALA C 218 25.51 10.47 0.51
CA ALA C 218 24.10 10.56 0.17
C ALA C 218 23.45 11.59 1.10
N LEU C 219 22.30 12.11 0.67
CA LEU C 219 21.45 12.94 1.51
C LEU C 219 20.75 12.00 2.51
N GLY C 220 20.37 12.54 3.67
CA GLY C 220 19.60 11.80 4.67
C GLY C 220 18.10 11.79 4.35
N THR C 221 17.30 11.21 5.23
CA THR C 221 15.88 11.06 4.99
C THR C 221 15.09 11.72 6.10
N PRO C 222 13.82 12.03 5.82
CA PRO C 222 13.00 12.56 6.90
C PRO C 222 12.92 11.62 8.12
N GLU C 223 12.90 10.30 7.92
CA GLU C 223 12.89 9.36 9.04
CA GLU C 223 12.86 9.40 9.07
C GLU C 223 14.17 9.38 9.87
N ASP C 224 15.30 9.77 9.27
CA ASP C 224 16.53 9.97 10.07
C ASP C 224 16.24 11.02 11.16
N ILE C 225 15.61 12.13 10.81
CA ILE C 225 15.23 13.13 11.80
C ILE C 225 14.17 12.58 12.76
N GLY C 226 13.15 11.93 12.24
CA GLY C 226 12.13 11.36 13.06
C GLY C 226 12.65 10.35 14.08
N HIS C 227 13.62 9.53 13.69
CA HIS C 227 14.13 8.54 14.65
C HIS C 227 14.86 9.17 15.81
N LEU C 228 15.57 10.26 15.56
CA LEU C 228 16.22 10.97 16.66
C LEU C 228 15.21 11.67 17.56
N ALA C 229 14.21 12.30 16.94
CA ALA C 229 13.13 12.92 17.71
C ALA C 229 12.45 11.90 18.62
N ALA C 230 12.22 10.70 18.09
CA ALA C 230 11.61 9.65 18.83
C ALA C 230 12.46 9.25 20.02
N PHE C 231 13.76 9.05 19.77
CA PHE C 231 14.69 8.74 20.86
C PHE C 231 14.66 9.81 21.96
N LEU C 232 14.77 11.09 21.57
CA LEU C 232 14.76 12.14 22.56
C LEU C 232 13.46 12.15 23.37
N ALA C 233 12.35 11.73 22.76
CA ALA C 233 11.04 11.69 23.42
C ALA C 233 10.84 10.54 24.41
N THR C 234 11.76 9.56 24.44
CA THR C 234 11.63 8.42 25.32
C THR C 234 11.94 8.76 26.76
N LYS C 235 11.44 7.91 27.67
CA LYS C 235 11.86 8.00 29.08
C LYS C 235 13.35 7.81 29.23
N GLU C 236 13.95 7.03 28.34
CA GLU C 236 15.35 6.70 28.43
C GLU C 236 16.29 7.87 28.11
N ALA C 237 15.77 8.93 27.50
CA ALA C 237 16.56 10.12 27.18
C ALA C 237 16.34 11.28 28.20
N GLY C 238 15.82 10.94 29.35
CA GLY C 238 15.46 11.90 30.39
C GLY C 238 16.58 12.73 30.96
N TYR C 239 17.82 12.29 30.85
CA TYR C 239 18.95 13.07 31.38
C TYR C 239 19.65 13.85 30.27
N ILE C 240 19.08 13.83 29.08
CA ILE C 240 19.58 14.65 27.99
C ILE C 240 18.73 15.90 27.89
N THR C 241 19.35 17.07 28.08
CA THR C 241 18.64 18.30 27.93
C THR C 241 19.61 19.41 27.51
N GLY C 242 19.08 20.33 26.73
CA GLY C 242 19.88 21.40 26.17
C GLY C 242 20.87 21.02 25.07
N GLN C 243 20.69 19.88 24.45
CA GLN C 243 21.62 19.42 23.43
C GLN C 243 21.05 19.73 22.04
N ALA C 244 21.92 20.21 21.16
CA ALA C 244 21.63 20.32 19.74
C ALA C 244 22.46 19.25 19.06
N ILE C 245 21.80 18.38 18.32
CA ILE C 245 22.46 17.23 17.66
C ILE C 245 22.26 17.31 16.15
N ALA C 246 23.36 17.31 15.40
CA ALA C 246 23.33 17.37 13.92
C ALA C 246 23.05 15.99 13.35
N VAL C 247 22.17 15.94 12.38
CA VAL C 247 21.89 14.70 11.60
C VAL C 247 22.20 15.10 10.16
N ASP C 248 23.46 14.85 9.76
CA ASP C 248 24.03 15.46 8.58
C ASP C 248 25.03 14.63 7.83
N GLY C 249 25.16 13.34 8.16
CA GLY C 249 26.11 12.51 7.43
C GLY C 249 27.57 13.00 7.39
N GLY C 250 27.94 13.85 8.33
CA GLY C 250 29.28 14.42 8.45
C GLY C 250 29.49 15.69 7.65
N GLN C 251 28.42 16.23 7.09
CA GLN C 251 28.52 17.40 6.23
C GLN C 251 29.36 18.54 6.82
N VAL C 252 29.21 18.83 8.11
CA VAL C 252 29.92 19.98 8.66
C VAL C 252 31.40 19.72 8.96
N LEU C 253 31.86 18.47 8.92
CA LEU C 253 33.22 18.16 9.40
C LEU C 253 34.39 18.50 8.45
N PRO C 254 34.26 18.23 7.13
CA PRO C 254 35.43 18.45 6.33
C PRO C 254 35.83 19.90 6.24
N GLU C 255 37.12 20.08 6.32
CA GLU C 255 37.76 21.35 6.25
C GLU C 255 37.50 21.98 4.87
N SER C 256 37.36 21.14 3.82
CA SER C 256 36.94 21.57 2.47
C SER C 256 36.60 20.30 1.67
N LEU C 257 36.19 20.45 0.41
CA LEU C 257 35.90 19.29 -0.45
C LEU C 257 37.10 18.34 -0.54
N ASP C 258 38.31 18.89 -0.50
CA ASP C 258 39.52 18.10 -0.53
C ASP C 258 39.70 17.15 0.66
N ALA C 259 39.00 17.43 1.74
CA ALA C 259 39.09 16.58 2.91
C ALA C 259 38.09 15.43 2.88
N ILE C 260 37.35 15.22 1.79
CA ILE C 260 36.35 14.16 1.78
C ILE C 260 36.99 12.88 1.27
N ALA C 261 36.88 11.82 2.05
CA ALA C 261 37.39 10.50 1.66
C ALA C 261 36.27 9.76 0.96
N THR C 262 36.65 9.03 -0.09
CA THR C 262 35.76 8.14 -0.80
C THR C 262 36.54 6.85 -1.06
N SER D 4 -52.27 -53.88 -25.07
CA SER D 4 -50.77 -54.01 -24.99
C SER D 4 -49.96 -52.69 -24.94
N MET D 5 -50.32 -51.69 -24.12
CA MET D 5 -49.55 -50.37 -24.20
C MET D 5 -48.35 -50.31 -23.22
N PHE D 6 -47.22 -49.81 -23.66
CA PHE D 6 -45.96 -49.81 -22.82
C PHE D 6 -45.47 -51.21 -22.39
N ASP D 7 -45.62 -52.16 -23.28
CA ASP D 7 -45.20 -53.54 -23.00
C ASP D 7 -43.68 -53.66 -22.88
N LEU D 8 -43.22 -54.29 -21.79
CA LEU D 8 -41.80 -54.60 -21.57
C LEU D 8 -41.55 -56.09 -21.34
N GLN D 9 -42.55 -56.95 -21.56
CA GLN D 9 -42.38 -58.39 -21.32
C GLN D 9 -41.39 -58.94 -22.32
N GLY D 10 -40.36 -59.61 -21.80
CA GLY D 10 -39.31 -60.23 -22.62
C GLY D 10 -38.25 -59.24 -23.11
N ARG D 11 -38.42 -57.98 -22.79
CA ARG D 11 -37.38 -56.98 -23.02
C ARG D 11 -36.19 -57.29 -22.14
N SER D 12 -34.96 -57.16 -22.64
CA SER D 12 -33.77 -57.55 -21.87
C SER D 12 -32.96 -56.34 -21.43
N VAL D 13 -32.75 -56.22 -20.11
CA VAL D 13 -32.25 -55.05 -19.47
C VAL D 13 -30.98 -55.35 -18.64
N VAL D 14 -29.98 -54.50 -18.78
CA VAL D 14 -28.80 -54.53 -17.90
C VAL D 14 -28.89 -53.30 -17.02
N VAL D 15 -28.82 -53.47 -15.70
CA VAL D 15 -28.78 -52.38 -14.74
C VAL D 15 -27.47 -52.39 -13.93
N THR D 16 -26.61 -51.41 -14.16
CA THR D 16 -25.38 -51.29 -13.35
C THR D 16 -25.71 -50.65 -12.01
N GLY D 17 -24.98 -51.04 -10.97
CA GLY D 17 -25.32 -50.58 -9.65
C GLY D 17 -26.76 -50.90 -9.31
N GLY D 18 -27.21 -52.11 -9.66
CA GLY D 18 -28.60 -52.47 -9.56
C GLY D 18 -29.07 -53.09 -8.25
N THR D 19 -28.22 -53.16 -7.22
CA THR D 19 -28.54 -53.95 -6.04
C THR D 19 -29.09 -53.13 -4.88
N LYS D 20 -28.95 -51.79 -4.93
CA LYS D 20 -29.36 -50.93 -3.83
C LYS D 20 -29.95 -49.65 -4.37
N GLY D 21 -30.71 -48.97 -3.51
CA GLY D 21 -31.09 -47.59 -3.79
C GLY D 21 -31.80 -47.42 -5.13
N ILE D 22 -31.42 -46.37 -5.86
CA ILE D 22 -32.12 -46.05 -7.12
C ILE D 22 -31.99 -47.18 -8.16
N GLY D 23 -30.79 -47.74 -8.26
CA GLY D 23 -30.59 -48.89 -9.17
C GLY D 23 -31.53 -50.05 -8.88
N ARG D 24 -31.74 -50.33 -7.60
CA ARG D 24 -32.63 -51.43 -7.22
CA ARG D 24 -32.63 -51.43 -7.22
C ARG D 24 -34.06 -51.07 -7.60
N GLY D 25 -34.44 -49.82 -7.42
CA GLY D 25 -35.73 -49.34 -7.88
C GLY D 25 -35.97 -49.53 -9.37
N ILE D 26 -34.94 -49.26 -10.18
CA ILE D 26 -35.02 -49.42 -11.64
C ILE D 26 -35.17 -50.90 -11.93
N ALA D 27 -34.33 -51.71 -11.31
CA ALA D 27 -34.37 -53.16 -11.59
C ALA D 27 -35.70 -53.76 -11.15
N THR D 28 -36.24 -53.28 -10.02
CA THR D 28 -37.50 -53.80 -9.52
C THR D 28 -38.65 -53.49 -10.48
N VAL D 29 -38.72 -52.26 -10.99
CA VAL D 29 -39.80 -51.93 -11.90
C VAL D 29 -39.69 -52.81 -13.15
N PHE D 30 -38.48 -52.97 -13.70
CA PHE D 30 -38.33 -53.80 -14.90
C PHE D 30 -38.71 -55.26 -14.64
N ALA D 31 -38.31 -55.79 -13.48
CA ALA D 31 -38.65 -57.17 -13.12
C ALA D 31 -40.18 -57.33 -13.01
N ARG D 32 -40.85 -56.37 -12.35
CA ARG D 32 -42.31 -56.41 -12.24
C ARG D 32 -43.03 -56.30 -13.57
N ALA D 33 -42.43 -55.62 -14.51
CA ALA D 33 -42.99 -55.44 -15.87
C ALA D 33 -42.74 -56.65 -16.77
N GLY D 34 -42.03 -57.66 -16.28
CA GLY D 34 -41.79 -58.86 -17.07
C GLY D 34 -40.52 -58.86 -17.91
N ALA D 35 -39.67 -57.88 -17.71
CA ALA D 35 -38.40 -57.86 -18.41
C ALA D 35 -37.43 -58.85 -17.86
N ASN D 36 -36.49 -59.27 -18.71
CA ASN D 36 -35.29 -59.95 -18.22
C ASN D 36 -34.36 -58.88 -17.68
N VAL D 37 -33.75 -59.12 -16.53
CA VAL D 37 -32.90 -58.13 -15.89
C VAL D 37 -31.59 -58.73 -15.40
N ALA D 38 -30.47 -58.17 -15.87
CA ALA D 38 -29.16 -58.49 -15.36
C ALA D 38 -28.77 -57.37 -14.43
N VAL D 39 -28.68 -57.65 -13.13
CA VAL D 39 -28.18 -56.64 -12.22
CA VAL D 39 -28.25 -56.72 -12.13
C VAL D 39 -26.72 -56.82 -11.89
N ALA D 40 -26.02 -55.71 -11.93
CA ALA D 40 -24.63 -55.71 -11.61
C ALA D 40 -24.43 -55.05 -10.27
N GLY D 41 -23.46 -55.52 -9.52
CA GLY D 41 -23.00 -54.79 -8.31
C GLY D 41 -21.62 -55.28 -7.87
N ARG D 42 -21.14 -54.76 -6.74
CA ARG D 42 -19.81 -55.11 -6.22
C ARG D 42 -19.82 -56.28 -5.25
N SER D 43 -20.94 -56.47 -4.54
CA SER D 43 -21.00 -57.34 -3.40
C SER D 43 -21.87 -58.53 -3.71
N THR D 44 -21.29 -59.72 -3.69
CA THR D 44 -21.96 -60.92 -4.14
C THR D 44 -23.17 -61.25 -3.26
N ALA D 45 -23.04 -60.98 -1.96
CA ALA D 45 -24.12 -61.20 -1.02
C ALA D 45 -25.33 -60.31 -1.37
N ASP D 46 -25.08 -59.02 -1.62
CA ASP D 46 -26.11 -58.08 -2.03
C ASP D 46 -26.71 -58.49 -3.38
N ILE D 47 -25.86 -58.91 -4.33
CA ILE D 47 -26.34 -59.35 -5.65
C ILE D 47 -27.27 -60.59 -5.58
N ASP D 48 -26.82 -61.64 -4.92
CA ASP D 48 -27.60 -62.85 -4.82
C ASP D 48 -28.94 -62.61 -4.11
N ALA D 49 -28.95 -61.78 -3.07
CA ALA D 49 -30.21 -61.43 -2.37
C ALA D 49 -31.17 -60.64 -3.27
N CYS D 50 -30.64 -59.64 -3.97
CA CYS D 50 -31.42 -58.83 -4.88
C CYS D 50 -32.04 -59.71 -5.97
N VAL D 51 -31.22 -60.58 -6.55
CA VAL D 51 -31.65 -61.45 -7.64
C VAL D 51 -32.78 -62.41 -7.22
N ALA D 52 -32.66 -62.96 -6.00
CA ALA D 52 -33.66 -63.89 -5.49
C ALA D 52 -35.00 -63.17 -5.34
N ASP D 53 -34.97 -61.91 -4.88
CA ASP D 53 -36.17 -61.12 -4.70
C ASP D 53 -36.78 -60.74 -6.07
N LEU D 54 -35.97 -60.13 -6.93
CA LEU D 54 -36.46 -59.65 -8.21
C LEU D 54 -36.94 -60.77 -9.15
N ASP D 55 -36.29 -61.94 -9.09
CA ASP D 55 -36.70 -63.00 -10.01
C ASP D 55 -38.14 -63.44 -9.72
N GLN D 56 -38.57 -63.36 -8.46
CA GLN D 56 -39.94 -63.77 -8.09
C GLN D 56 -41.01 -62.80 -8.54
N LEU D 57 -40.61 -61.58 -8.93
CA LEU D 57 -41.54 -60.52 -9.27
C LEU D 57 -42.18 -60.61 -10.63
N GLY D 58 -41.60 -61.37 -11.56
CA GLY D 58 -42.18 -61.47 -12.88
C GLY D 58 -41.67 -62.64 -13.68
N SER D 59 -42.19 -62.74 -14.90
CA SER D 59 -41.94 -63.88 -15.77
C SER D 59 -40.66 -63.75 -16.60
N GLY D 60 -39.95 -62.65 -16.48
CA GLY D 60 -38.64 -62.51 -17.07
C GLY D 60 -37.56 -63.16 -16.22
N LYS D 61 -36.42 -63.41 -16.84
CA LYS D 61 -35.28 -63.97 -16.13
C LYS D 61 -34.45 -62.88 -15.48
N VAL D 62 -34.05 -63.10 -14.23
CA VAL D 62 -33.15 -62.17 -13.55
C VAL D 62 -31.85 -62.91 -13.18
N ILE D 63 -30.71 -62.30 -13.53
CA ILE D 63 -29.40 -62.74 -13.15
C ILE D 63 -28.61 -61.61 -12.48
N GLY D 64 -27.55 -62.00 -11.77
CA GLY D 64 -26.67 -61.11 -11.03
C GLY D 64 -25.25 -61.33 -11.47
N VAL D 65 -24.50 -60.25 -11.65
CA VAL D 65 -23.11 -60.35 -12.14
C VAL D 65 -22.24 -59.40 -11.34
N GLN D 66 -21.24 -59.90 -10.64
CA GLN D 66 -20.35 -59.02 -9.91
C GLN D 66 -19.50 -58.27 -10.94
N THR D 67 -19.52 -56.93 -10.88
CA THR D 67 -18.91 -56.06 -11.89
C THR D 67 -18.41 -54.79 -11.23
N ASP D 68 -17.15 -54.46 -11.48
CA ASP D 68 -16.62 -53.12 -11.22
C ASP D 68 -16.71 -52.35 -12.52
N VAL D 69 -17.67 -51.43 -12.62
CA VAL D 69 -17.96 -50.76 -13.89
C VAL D 69 -16.79 -49.89 -14.38
N SER D 70 -15.88 -49.56 -13.47
CA SER D 70 -14.69 -48.77 -13.85
C SER D 70 -13.70 -49.53 -14.68
N ASP D 71 -13.94 -50.85 -14.83
CA ASP D 71 -13.08 -51.71 -15.62
C ASP D 71 -13.82 -52.16 -16.89
N ARG D 72 -13.35 -51.70 -18.06
CA ARG D 72 -14.04 -51.93 -19.32
C ARG D 72 -14.21 -53.43 -19.57
N ALA D 73 -13.16 -54.20 -19.30
CA ALA D 73 -13.24 -55.65 -19.44
C ALA D 73 -14.35 -56.30 -18.57
N GLN D 74 -14.59 -55.79 -17.36
CA GLN D 74 -15.67 -56.34 -16.54
C GLN D 74 -17.03 -55.99 -17.08
N CYS D 75 -17.13 -54.79 -17.68
CA CYS D 75 -18.36 -54.39 -18.37
C CYS D 75 -18.61 -55.34 -19.55
N ASP D 76 -17.56 -55.65 -20.30
CA ASP D 76 -17.70 -56.59 -21.44
C ASP D 76 -18.22 -57.95 -20.97
N ALA D 77 -17.65 -58.41 -19.85
CA ALA D 77 -18.09 -59.68 -19.22
C ALA D 77 -19.56 -59.63 -18.82
N LEU D 78 -20.03 -58.53 -18.24
CA LEU D 78 -21.43 -58.33 -17.88
C LEU D 78 -22.36 -58.44 -19.10
N ALA D 79 -22.05 -57.70 -20.15
CA ALA D 79 -22.82 -57.77 -21.41
C ALA D 79 -22.83 -59.19 -21.96
N GLY D 80 -21.67 -59.83 -21.94
CA GLY D 80 -21.54 -61.24 -22.38
C GLY D 80 -22.50 -62.20 -21.70
N ARG D 81 -22.62 -62.05 -20.38
CA ARG D 81 -23.48 -62.90 -19.56
C ARG D 81 -24.94 -62.61 -19.88
N ALA D 82 -25.29 -61.34 -20.06
CA ALA D 82 -26.66 -60.97 -20.40
C ALA D 82 -27.05 -61.58 -21.79
N VAL D 83 -26.18 -61.43 -22.78
CA VAL D 83 -26.44 -61.98 -24.10
C VAL D 83 -26.59 -63.50 -23.98
N GLU D 84 -25.70 -64.13 -23.19
CA GLU D 84 -25.73 -65.61 -23.06
C GLU D 84 -27.04 -66.10 -22.43
N GLU D 85 -27.49 -65.40 -21.39
CA GLU D 85 -28.66 -65.80 -20.61
C GLU D 85 -30.00 -65.36 -21.23
N PHE D 86 -30.01 -64.21 -21.93
CA PHE D 86 -31.24 -63.65 -22.47
C PHE D 86 -31.38 -63.73 -23.99
N GLY D 87 -30.25 -63.90 -24.68
CA GLY D 87 -30.24 -63.88 -26.15
C GLY D 87 -29.98 -62.51 -26.74
N GLY D 88 -29.88 -61.50 -25.90
CA GLY D 88 -29.63 -60.15 -26.37
C GLY D 88 -29.76 -59.15 -25.25
N ILE D 89 -29.58 -57.88 -25.59
CA ILE D 89 -29.75 -56.76 -24.67
C ILE D 89 -30.48 -55.65 -25.44
N ASP D 90 -31.63 -55.22 -24.93
CA ASP D 90 -32.41 -54.13 -25.54
C ASP D 90 -32.22 -52.79 -24.82
N VAL D 91 -31.86 -52.85 -23.51
CA VAL D 91 -31.83 -51.67 -22.65
C VAL D 91 -30.61 -51.77 -21.78
N VAL D 92 -29.80 -50.73 -21.79
CA VAL D 92 -28.80 -50.57 -20.71
C VAL D 92 -29.13 -49.37 -19.84
N CYS D 93 -29.29 -49.62 -18.53
CA CYS D 93 -29.41 -48.59 -17.51
C CYS D 93 -28.05 -48.41 -16.85
N ALA D 94 -27.32 -47.40 -17.32
CA ALA D 94 -26.02 -47.03 -16.82
C ALA D 94 -26.27 -46.19 -15.59
N ASN D 95 -26.39 -46.87 -14.48
CA ASN D 95 -26.91 -46.31 -13.24
C ASN D 95 -25.88 -46.20 -12.15
N ALA D 96 -24.83 -47.02 -12.20
CA ALA D 96 -23.84 -47.08 -11.14
C ALA D 96 -23.21 -45.70 -10.95
N GLY D 97 -23.02 -45.34 -9.71
CA GLY D 97 -22.45 -44.06 -9.37
C GLY D 97 -22.27 -44.02 -7.87
N VAL D 98 -21.24 -43.30 -7.46
CA VAL D 98 -20.96 -43.02 -6.07
C VAL D 98 -20.97 -41.51 -5.82
N PHE D 99 -21.20 -41.10 -4.56
CA PHE D 99 -21.29 -39.67 -4.22
C PHE D 99 -20.61 -39.30 -2.89
N PRO D 100 -19.33 -39.70 -2.69
CA PRO D 100 -18.58 -39.22 -1.55
C PRO D 100 -18.38 -37.72 -1.69
N ASP D 101 -18.19 -37.05 -0.56
CA ASP D 101 -17.95 -35.62 -0.61
C ASP D 101 -16.49 -35.27 -0.53
N ALA D 102 -16.17 -34.12 -1.05
CA ALA D 102 -14.83 -33.57 -1.00
C ALA D 102 -14.88 -32.08 -1.25
N PRO D 103 -14.63 -31.28 -0.21
CA PRO D 103 -14.55 -29.84 -0.46
C PRO D 103 -13.47 -29.54 -1.48
N LEU D 104 -13.71 -28.52 -2.28
CA LEU D 104 -12.78 -28.19 -3.31
C LEU D 104 -11.41 -27.85 -2.79
N ALA D 105 -11.34 -27.18 -1.62
CA ALA D 105 -10.12 -26.79 -0.99
C ALA D 105 -9.21 -27.97 -0.66
N THR D 106 -9.78 -29.15 -0.42
CA THR D 106 -9.01 -30.29 0.08
C THR D 106 -9.03 -31.51 -0.85
N MET D 107 -9.88 -31.49 -1.88
CA MET D 107 -10.09 -32.63 -2.75
C MET D 107 -8.78 -33.08 -3.37
N THR D 108 -8.47 -34.37 -3.24
CA THR D 108 -7.22 -34.87 -3.72
C THR D 108 -7.39 -35.46 -5.13
N PRO D 109 -6.26 -35.65 -5.82
CA PRO D 109 -6.29 -36.30 -7.13
C PRO D 109 -6.94 -37.66 -7.07
N GLU D 110 -6.68 -38.38 -5.99
CA GLU D 110 -7.25 -39.70 -5.80
CA GLU D 110 -7.27 -39.71 -5.81
C GLU D 110 -8.78 -39.60 -5.70
N GLN D 111 -9.29 -38.61 -4.97
CA GLN D 111 -10.77 -38.46 -4.85
C GLN D 111 -11.37 -38.07 -6.21
N LEU D 112 -10.71 -37.17 -6.89
CA LEU D 112 -11.20 -36.70 -8.19
C LEU D 112 -11.22 -37.84 -9.19
N ASN D 113 -10.09 -38.53 -9.37
CA ASN D 113 -10.04 -39.61 -10.36
C ASN D 113 -10.97 -40.77 -10.01
N GLY D 114 -11.06 -41.09 -8.74
CA GLY D 114 -11.91 -42.14 -8.26
C GLY D 114 -13.40 -41.99 -8.58
N ILE D 115 -13.93 -40.78 -8.41
CA ILE D 115 -15.32 -40.55 -8.66
C ILE D 115 -15.60 -40.57 -10.17
N PHE D 116 -14.68 -40.06 -10.96
CA PHE D 116 -14.81 -40.15 -12.42
C PHE D 116 -14.69 -41.57 -12.95
N ALA D 117 -13.83 -42.39 -12.35
CA ALA D 117 -13.67 -43.78 -12.79
C ALA D 117 -14.96 -44.55 -12.70
N VAL D 118 -15.69 -44.38 -11.59
CA VAL D 118 -16.94 -45.05 -11.45
C VAL D 118 -18.04 -44.35 -12.26
N ASN D 119 -18.17 -43.04 -12.08
CA ASN D 119 -19.40 -42.37 -12.52
C ASN D 119 -19.44 -42.06 -14.00
N VAL D 120 -18.27 -41.79 -14.59
CA VAL D 120 -18.14 -41.45 -15.98
C VAL D 120 -17.57 -42.62 -16.75
N ASN D 121 -16.42 -43.14 -16.40
CA ASN D 121 -15.89 -44.28 -17.16
C ASN D 121 -16.87 -45.47 -17.13
N GLY D 122 -17.46 -45.76 -15.98
CA GLY D 122 -18.47 -46.79 -15.89
C GLY D 122 -19.67 -46.59 -16.77
N THR D 123 -20.05 -45.32 -17.01
CA THR D 123 -21.14 -45.05 -17.92
C THR D 123 -20.74 -45.33 -19.38
N PHE D 124 -19.58 -44.81 -19.75
CA PHE D 124 -19.03 -45.09 -21.11
C PHE D 124 -18.92 -46.59 -21.34
N TYR D 125 -18.25 -47.29 -20.42
CA TYR D 125 -17.95 -48.69 -20.61
C TYR D 125 -19.19 -49.57 -20.62
N ALA D 126 -20.19 -49.26 -19.80
CA ALA D 126 -21.41 -50.04 -19.81
C ALA D 126 -22.10 -49.93 -21.17
N VAL D 127 -22.15 -48.74 -21.72
CA VAL D 127 -22.77 -48.54 -23.02
C VAL D 127 -21.97 -49.23 -24.14
N GLN D 128 -20.65 -49.02 -24.14
CA GLN D 128 -19.77 -49.68 -25.11
C GLN D 128 -19.87 -51.18 -25.09
N ALA D 129 -19.83 -51.74 -23.90
CA ALA D 129 -19.92 -53.19 -23.71
C ALA D 129 -21.21 -53.77 -24.31
N CYS D 130 -22.31 -53.02 -24.19
CA CYS D 130 -23.65 -53.47 -24.61
C CYS D 130 -23.96 -53.11 -26.08
N LEU D 131 -23.09 -52.34 -26.71
CA LEU D 131 -23.43 -51.69 -27.95
C LEU D 131 -23.76 -52.69 -29.04
N ASP D 132 -22.95 -53.73 -29.19
CA ASP D 132 -23.24 -54.73 -30.26
C ASP D 132 -24.66 -55.32 -30.09
N ALA D 133 -25.00 -55.67 -28.85
CA ALA D 133 -26.32 -56.25 -28.55
C ALA D 133 -27.43 -55.21 -28.80
N LEU D 134 -27.19 -53.95 -28.40
CA LEU D 134 -28.16 -52.87 -28.62
C LEU D 134 -28.40 -52.63 -30.09
N ILE D 135 -27.35 -52.73 -30.89
CA ILE D 135 -27.48 -52.66 -32.37
C ILE D 135 -28.34 -53.82 -32.87
N ALA D 136 -28.04 -55.02 -32.40
CA ALA D 136 -28.74 -56.23 -32.81
C ALA D 136 -30.21 -56.23 -32.39
N SER D 137 -30.52 -55.55 -31.28
CA SER D 137 -31.89 -55.41 -30.78
C SER D 137 -32.88 -54.85 -31.82
N GLY D 138 -32.49 -53.76 -32.45
CA GLY D 138 -33.35 -53.02 -33.39
C GLY D 138 -34.23 -51.96 -32.75
N SER D 139 -34.36 -52.00 -31.42
CA SER D 139 -35.09 -50.99 -30.62
C SER D 139 -34.31 -50.71 -29.30
N GLY D 140 -33.01 -50.55 -29.44
CA GLY D 140 -32.13 -50.34 -28.28
C GLY D 140 -32.37 -49.04 -27.54
N ARG D 141 -32.01 -49.08 -26.28
CA ARG D 141 -32.24 -48.02 -25.34
C ARG D 141 -31.08 -47.91 -24.35
N VAL D 142 -30.57 -46.69 -24.16
CA VAL D 142 -29.58 -46.36 -23.16
C VAL D 142 -30.25 -45.35 -22.23
N VAL D 143 -30.26 -45.65 -20.94
CA VAL D 143 -30.85 -44.77 -19.96
C VAL D 143 -29.79 -44.51 -18.90
N LEU D 144 -29.38 -43.24 -18.75
CA LEU D 144 -28.31 -42.89 -17.85
C LEU D 144 -28.92 -42.33 -16.55
N THR D 145 -28.39 -42.79 -15.41
CA THR D 145 -28.75 -42.15 -14.13
C THR D 145 -27.78 -41.02 -13.86
N SER D 146 -28.25 -39.81 -14.13
CA SER D 146 -27.51 -38.58 -13.85
C SER D 146 -27.98 -38.05 -12.45
N SER D 147 -28.15 -36.74 -12.28
CA SER D 147 -28.64 -36.15 -11.06
C SER D 147 -29.01 -34.71 -11.35
N ILE D 148 -29.85 -34.10 -10.52
CA ILE D 148 -29.99 -32.64 -10.60
C ILE D 148 -28.68 -31.89 -10.26
N THR D 149 -27.82 -32.48 -9.46
CA THR D 149 -26.54 -31.92 -9.00
C THR D 149 -25.49 -32.08 -10.09
N GLY D 150 -25.13 -30.96 -10.70
CA GLY D 150 -24.17 -30.88 -11.81
C GLY D 150 -24.84 -30.19 -12.98
N PRO D 151 -25.82 -30.87 -13.58
CA PRO D 151 -26.58 -30.26 -14.68
C PRO D 151 -27.40 -29.06 -14.35
N ILE D 152 -27.94 -29.01 -13.14
CA ILE D 152 -28.83 -27.94 -12.76
C ILE D 152 -28.38 -27.17 -11.52
N THR D 153 -28.13 -27.92 -10.47
CA THR D 153 -27.75 -27.32 -9.18
C THR D 153 -26.31 -27.56 -8.78
N GLY D 154 -25.90 -26.88 -7.71
CA GLY D 154 -24.63 -27.05 -7.07
C GLY D 154 -24.84 -27.35 -5.60
N TYR D 155 -23.87 -28.04 -5.02
CA TYR D 155 -23.97 -28.40 -3.60
C TYR D 155 -22.57 -28.52 -3.05
N PRO D 156 -22.13 -27.55 -2.26
CA PRO D 156 -20.73 -27.55 -1.71
C PRO D 156 -20.33 -28.91 -1.13
N GLY D 157 -19.16 -29.40 -1.55
CA GLY D 157 -18.70 -30.74 -1.22
C GLY D 157 -18.87 -31.75 -2.35
N TRP D 158 -19.69 -31.40 -3.35
CA TRP D 158 -19.98 -32.30 -4.48
C TRP D 158 -19.62 -31.73 -5.87
N SER D 159 -18.60 -30.89 -5.94
CA SER D 159 -18.18 -30.30 -7.19
C SER D 159 -17.67 -31.37 -8.17
N HIS D 160 -16.96 -32.38 -7.65
CA HIS D 160 -16.57 -33.53 -8.47
C HIS D 160 -17.75 -34.40 -8.90
N TYR D 161 -18.66 -34.68 -7.98
CA TYR D 161 -19.84 -35.42 -8.30
C TYR D 161 -20.70 -34.70 -9.35
N GLY D 162 -20.95 -33.40 -9.15
CA GLY D 162 -21.71 -32.61 -10.14
C GLY D 162 -21.03 -32.65 -11.50
N ALA D 163 -19.71 -32.57 -11.50
CA ALA D 163 -18.98 -32.65 -12.80
C ALA D 163 -19.28 -34.00 -13.50
N THR D 164 -19.29 -35.09 -12.73
CA THR D 164 -19.53 -36.41 -13.31
C THR D 164 -20.95 -36.54 -13.87
N LYS D 165 -21.90 -35.94 -13.15
CA LYS D 165 -23.30 -36.03 -13.55
C LYS D 165 -23.57 -35.19 -14.77
N ALA D 166 -22.97 -34.02 -14.88
CA ALA D 166 -23.01 -33.24 -16.13
C ALA D 166 -22.28 -33.92 -17.27
N ALA D 167 -21.12 -34.50 -16.96
CA ALA D 167 -20.37 -35.28 -17.95
C ALA D 167 -21.22 -36.34 -18.63
N GLN D 168 -22.05 -37.03 -17.87
CA GLN D 168 -22.97 -38.02 -18.45
C GLN D 168 -23.88 -37.40 -19.49
N LEU D 169 -24.35 -36.15 -19.26
CA LEU D 169 -25.24 -35.50 -20.24
C LEU D 169 -24.47 -35.01 -21.46
N GLY D 170 -23.22 -34.59 -21.30
CA GLY D 170 -22.43 -34.24 -22.50
C GLY D 170 -22.17 -35.44 -23.39
N PHE D 171 -21.92 -36.61 -22.75
CA PHE D 171 -21.84 -37.87 -23.48
C PHE D 171 -23.14 -38.16 -24.25
N MET D 172 -24.26 -38.04 -23.53
CA MET D 172 -25.59 -38.27 -24.07
C MET D 172 -25.81 -37.50 -25.33
N ARG D 173 -25.50 -36.20 -25.30
CA ARG D 173 -25.82 -35.35 -26.42
C ARG D 173 -25.15 -35.76 -27.71
N THR D 174 -23.95 -36.32 -27.63
CA THR D 174 -23.27 -36.89 -28.79
C THR D 174 -23.72 -38.32 -29.05
N ALA D 175 -23.78 -39.14 -28.01
CA ALA D 175 -24.15 -40.56 -28.20
C ALA D 175 -25.54 -40.70 -28.84
N ALA D 176 -26.49 -39.82 -28.49
CA ALA D 176 -27.80 -39.85 -29.09
C ALA D 176 -27.72 -39.69 -30.62
N ILE D 177 -26.80 -38.84 -31.10
CA ILE D 177 -26.59 -38.65 -32.54
C ILE D 177 -25.91 -39.84 -33.17
N GLU D 178 -24.84 -40.25 -32.54
CA GLU D 178 -23.97 -41.28 -33.04
C GLU D 178 -24.68 -42.63 -33.14
N LEU D 179 -25.61 -42.89 -32.24
CA LEU D 179 -26.30 -44.21 -32.19
C LEU D 179 -27.67 -44.22 -32.89
N ALA D 180 -28.14 -43.05 -33.31
CA ALA D 180 -29.46 -42.91 -33.97
C ALA D 180 -29.56 -43.75 -35.27
N PRO D 181 -28.48 -43.90 -36.01
CA PRO D 181 -28.60 -44.73 -37.22
C PRO D 181 -28.88 -46.20 -36.90
N HIS D 182 -28.56 -46.60 -35.67
CA HIS D 182 -28.85 -47.97 -35.20
C HIS D 182 -30.17 -48.09 -34.46
N LYS D 183 -30.96 -47.02 -34.44
CA LYS D 183 -32.25 -46.98 -33.77
C LYS D 183 -32.11 -47.18 -32.27
N ILE D 184 -31.03 -46.67 -31.71
CA ILE D 184 -30.82 -46.68 -30.26
C ILE D 184 -31.05 -45.25 -29.74
N THR D 185 -31.94 -45.10 -28.75
CA THR D 185 -32.14 -43.80 -28.12
C THR D 185 -31.24 -43.72 -26.86
N VAL D 186 -30.88 -42.52 -26.47
CA VAL D 186 -29.97 -42.29 -25.36
C VAL D 186 -30.55 -41.13 -24.58
N ASN D 187 -30.99 -41.40 -23.37
CA ASN D 187 -31.64 -40.42 -22.55
C ASN D 187 -31.10 -40.51 -21.14
N ALA D 188 -31.44 -39.51 -20.33
CA ALA D 188 -30.99 -39.48 -18.94
C ALA D 188 -32.09 -39.09 -17.99
N ILE D 189 -31.92 -39.56 -16.77
CA ILE D 189 -32.81 -39.24 -15.66
C ILE D 189 -31.98 -38.48 -14.67
N MET D 190 -32.51 -37.37 -14.15
CA MET D 190 -31.88 -36.59 -13.12
C MET D 190 -32.72 -36.71 -11.82
N PRO D 191 -32.41 -37.70 -10.95
CA PRO D 191 -33.14 -37.77 -9.66
C PRO D 191 -32.81 -36.57 -8.80
N GLY D 192 -33.84 -36.09 -8.07
CA GLY D 192 -33.67 -35.12 -7.01
C GLY D 192 -33.37 -35.90 -5.75
N ASN D 193 -34.15 -35.64 -4.71
CA ASN D 193 -33.97 -36.25 -3.40
C ASN D 193 -34.89 -37.45 -3.29
N ILE D 194 -34.26 -38.63 -3.32
CA ILE D 194 -34.98 -39.91 -3.38
C ILE D 194 -34.73 -40.63 -2.04
N MET D 195 -35.80 -41.06 -1.39
CA MET D 195 -35.70 -41.88 -0.16
C MET D 195 -35.03 -43.20 -0.48
N THR D 196 -33.95 -43.52 0.22
CA THR D 196 -33.30 -44.83 0.08
C THR D 196 -33.06 -45.41 1.48
N GLU D 197 -32.64 -46.67 1.53
CA GLU D 197 -32.36 -47.29 2.85
C GLU D 197 -31.21 -46.57 3.56
N GLY D 198 -30.19 -46.17 2.82
CA GLY D 198 -29.08 -45.39 3.37
C GLY D 198 -29.54 -44.12 4.07
N LEU D 199 -30.43 -43.39 3.41
CA LEU D 199 -30.99 -42.14 3.96
C LEU D 199 -31.90 -42.34 5.20
N LEU D 200 -32.65 -43.44 5.26
CA LEU D 200 -33.50 -43.75 6.43
C LEU D 200 -32.70 -43.89 7.74
N GLU D 201 -31.41 -44.23 7.61
CA GLU D 201 -30.49 -44.37 8.76
C GLU D 201 -30.30 -43.02 9.48
N ASN D 202 -30.25 -41.94 8.70
CA ASN D 202 -30.22 -40.57 9.24
C ASN D 202 -31.45 -40.20 10.07
N GLY D 203 -32.54 -40.97 9.96
CA GLY D 203 -33.74 -40.74 10.77
C GLY D 203 -34.78 -39.78 10.20
N GLU D 204 -35.95 -39.78 10.84
CA GLU D 204 -37.17 -39.16 10.32
C GLU D 204 -37.11 -37.62 10.33
N GLU D 205 -36.45 -37.04 11.34
CA GLU D 205 -36.35 -35.57 11.45
C GLU D 205 -35.48 -34.98 10.31
N TYR D 206 -34.39 -35.66 9.98
CA TYR D 206 -33.52 -35.23 8.91
C TYR D 206 -34.27 -35.23 7.54
N ILE D 207 -34.99 -36.30 7.28
CA ILE D 207 -35.78 -36.41 6.04
C ILE D 207 -36.86 -35.31 6.02
N ALA D 208 -37.53 -35.08 7.15
CA ALA D 208 -38.60 -34.08 7.16
C ALA D 208 -38.08 -32.68 6.79
N SER D 209 -36.90 -32.34 7.30
CA SER D 209 -36.28 -31.05 7.02
C SER D 209 -35.99 -30.90 5.52
N MET D 210 -35.45 -31.96 4.91
CA MET D 210 -35.21 -31.97 3.46
CA MET D 210 -35.21 -31.99 3.47
C MET D 210 -36.53 -31.83 2.68
N ALA D 211 -37.56 -32.53 3.13
CA ALA D 211 -38.86 -32.53 2.48
C ALA D 211 -39.53 -31.14 2.46
N ARG D 212 -39.17 -30.26 3.41
CA ARG D 212 -39.75 -28.94 3.41
C ARG D 212 -39.21 -28.02 2.31
N SER D 213 -38.07 -28.36 1.69
CA SER D 213 -37.55 -27.63 0.52
C SER D 213 -38.06 -28.13 -0.83
N ILE D 214 -38.98 -29.10 -0.82
CA ILE D 214 -39.49 -29.68 -2.05
C ILE D 214 -40.96 -29.30 -2.24
N PRO D 215 -41.33 -28.74 -3.42
CA PRO D 215 -42.78 -28.41 -3.61
C PRO D 215 -43.70 -29.61 -3.40
N ALA D 216 -43.31 -30.79 -3.87
CA ALA D 216 -44.12 -32.01 -3.61
C ALA D 216 -44.31 -32.31 -2.12
N GLY D 217 -43.40 -31.85 -1.28
CA GLY D 217 -43.51 -32.03 0.16
C GLY D 217 -43.07 -33.37 0.74
N ALA D 218 -42.42 -34.17 -0.08
CA ALA D 218 -41.90 -35.49 0.32
C ALA D 218 -40.76 -35.80 -0.65
N LEU D 219 -39.85 -36.66 -0.22
CA LEU D 219 -38.82 -37.20 -1.07
C LEU D 219 -39.50 -38.19 -2.04
N GLY D 220 -38.87 -38.43 -3.18
CA GLY D 220 -39.38 -39.41 -4.11
C GLY D 220 -38.93 -40.82 -3.73
N THR D 221 -39.26 -41.79 -4.58
CA THR D 221 -38.96 -43.18 -4.29
C THR D 221 -38.07 -43.74 -5.40
N PRO D 222 -37.36 -44.82 -5.12
CA PRO D 222 -36.59 -45.45 -6.19
C PRO D 222 -37.46 -45.89 -7.38
N GLU D 223 -38.69 -46.30 -7.10
CA GLU D 223 -39.55 -46.68 -8.21
C GLU D 223 -40.05 -45.51 -9.03
N ASP D 224 -40.11 -44.30 -8.48
CA ASP D 224 -40.32 -43.12 -9.34
C ASP D 224 -39.26 -43.08 -10.46
N ILE D 225 -38.00 -43.34 -10.12
CA ILE D 225 -36.94 -43.40 -11.13
C ILE D 225 -37.17 -44.58 -12.06
N GLY D 226 -37.44 -45.75 -11.47
CA GLY D 226 -37.63 -46.93 -12.27
C GLY D 226 -38.79 -46.81 -13.25
N HIS D 227 -39.88 -46.13 -12.86
CA HIS D 227 -40.99 -46.01 -13.79
C HIS D 227 -40.67 -45.16 -14.99
N LEU D 228 -39.89 -44.10 -14.81
CA LEU D 228 -39.48 -43.30 -15.95
C LEU D 228 -38.51 -44.09 -16.82
N ALA D 229 -37.57 -44.81 -16.19
CA ALA D 229 -36.65 -45.66 -16.97
C ALA D 229 -37.44 -46.66 -17.86
N ALA D 230 -38.47 -47.28 -17.26
CA ALA D 230 -39.33 -48.24 -17.91
C ALA D 230 -40.04 -47.62 -19.10
N PHE D 231 -40.62 -46.42 -18.90
CA PHE D 231 -41.22 -45.71 -20.03
C PHE D 231 -40.21 -45.45 -21.16
N LEU D 232 -39.03 -44.93 -20.81
CA LEU D 232 -38.05 -44.59 -21.86
C LEU D 232 -37.67 -45.84 -22.63
N ALA D 233 -37.70 -46.98 -21.98
CA ALA D 233 -37.33 -48.25 -22.58
C ALA D 233 -38.37 -48.86 -23.51
N THR D 234 -39.58 -48.34 -23.49
CA THR D 234 -40.65 -48.86 -24.35
C THR D 234 -40.41 -48.56 -25.83
N LYS D 235 -41.07 -49.33 -26.67
CA LYS D 235 -41.13 -48.98 -28.08
C LYS D 235 -41.80 -47.65 -28.32
N GLU D 236 -42.73 -47.30 -27.43
CA GLU D 236 -43.52 -46.08 -27.58
C GLU D 236 -42.72 -44.79 -27.35
N ALA D 237 -41.56 -44.89 -26.69
CA ALA D 237 -40.66 -43.77 -26.47
C ALA D 237 -39.54 -43.64 -27.52
N GLY D 238 -39.74 -44.24 -28.68
CA GLY D 238 -38.70 -44.31 -29.73
C GLY D 238 -38.25 -43.01 -30.37
N TYR D 239 -39.11 -41.99 -30.29
CA TYR D 239 -38.75 -40.65 -30.83
C TYR D 239 -38.19 -39.68 -29.79
N ILE D 240 -37.98 -40.17 -28.59
CA ILE D 240 -37.37 -39.38 -27.54
C ILE D 240 -35.89 -39.81 -27.41
N THR D 241 -34.98 -38.88 -27.69
CA THR D 241 -33.59 -39.14 -27.53
C THR D 241 -32.87 -37.84 -27.17
N GLY D 242 -31.74 -37.98 -26.50
CA GLY D 242 -30.98 -36.83 -26.02
C GLY D 242 -31.60 -36.01 -24.90
N GLN D 243 -32.60 -36.55 -24.24
CA GLN D 243 -33.33 -35.81 -23.19
C GLN D 243 -32.85 -36.17 -21.80
N ALA D 244 -32.65 -35.14 -20.98
CA ALA D 244 -32.40 -35.33 -19.54
C ALA D 244 -33.66 -34.84 -18.83
N ILE D 245 -34.23 -35.72 -18.03
CA ILE D 245 -35.50 -35.44 -17.32
C ILE D 245 -35.33 -35.55 -15.82
N ALA D 246 -35.64 -34.45 -15.13
CA ALA D 246 -35.58 -34.44 -13.63
C ALA D 246 -36.77 -35.16 -13.02
N VAL D 247 -36.53 -35.98 -11.99
CA VAL D 247 -37.59 -36.62 -11.19
C VAL D 247 -37.30 -36.14 -9.76
N ASP D 248 -37.86 -34.97 -9.43
CA ASP D 248 -37.44 -34.19 -8.32
C ASP D 248 -38.55 -33.50 -7.51
N GLY D 249 -39.81 -33.76 -7.84
CA GLY D 249 -40.92 -33.18 -7.10
C GLY D 249 -40.91 -31.63 -7.13
N GLY D 250 -40.28 -31.05 -8.14
CA GLY D 250 -40.15 -29.61 -8.26
C GLY D 250 -38.99 -28.98 -7.52
N GLN D 251 -38.09 -29.79 -6.96
CA GLN D 251 -37.04 -29.26 -6.09
C GLN D 251 -36.25 -28.09 -6.74
N VAL D 252 -35.96 -28.19 -8.05
CA VAL D 252 -35.08 -27.20 -8.68
C VAL D 252 -35.82 -25.87 -8.98
N LEU D 253 -37.14 -25.86 -8.88
CA LEU D 253 -37.93 -24.71 -9.40
C LEU D 253 -37.97 -23.45 -8.51
N PRO D 254 -38.14 -23.58 -7.19
CA PRO D 254 -38.22 -22.35 -6.43
C PRO D 254 -36.92 -21.53 -6.42
N GLU D 255 -37.11 -20.24 -6.51
CA GLU D 255 -36.06 -19.23 -6.41
C GLU D 255 -35.39 -19.34 -5.03
N SER D 256 -36.18 -19.64 -4.00
CA SER D 256 -35.67 -19.91 -2.63
C SER D 256 -36.80 -20.57 -1.83
N LEU D 257 -36.55 -20.84 -0.54
CA LEU D 257 -37.58 -21.40 0.36
C LEU D 257 -38.86 -20.60 0.42
N ASP D 258 -38.75 -19.26 0.36
CA ASP D 258 -39.88 -18.35 0.34
C ASP D 258 -40.86 -18.57 -0.83
N ALA D 259 -40.36 -19.17 -1.90
CA ALA D 259 -41.17 -19.41 -3.09
C ALA D 259 -41.94 -20.73 -3.01
N ILE D 260 -41.81 -21.48 -1.92
CA ILE D 260 -42.52 -22.75 -1.81
C ILE D 260 -43.91 -22.53 -1.27
N ALA D 261 -44.90 -23.01 -2.02
CA ALA D 261 -46.30 -22.95 -1.62
C ALA D 261 -46.60 -24.20 -0.82
N THR D 262 -47.36 -24.02 0.25
CA THR D 262 -47.84 -25.13 1.04
C THR D 262 -49.38 -25.05 1.16
#